data_2BKT
#
_entry.id   2BKT
#
_cell.length_a   138.895
_cell.length_b   138.895
_cell.length_c   138.895
_cell.angle_alpha   90.00
_cell.angle_beta   90.00
_cell.angle_gamma   90.00
#
_symmetry.space_group_name_H-M   'P 21 3'
#
loop_
_entity.id
_entity.type
_entity.pdbx_description
1 polymer RENIN
2 non-polymer 1-{4-[3-(2-METHOXY-BENZYLOXY)-PROPOXY]-PHENYL}-6-(1,2,,3,4-TETRAHYDRO-QUINOLIN-7-YLOXYMETHYL)-PIPERAZIN-2-ONE
3 water water
#
_entity_poly.entity_id   1
_entity_poly.type   'polypeptide(L)'
_entity_poly.pdbx_seq_one_letter_code
;LTLGNTTSSVILTNYMDTQYYGEIGIGTPPQTFKVVFDTGSSNVWVPSSKCSRLYTACVYHKLFDASDSSSYKHNGTELT
LRYSTGTVSGFLSQDIITVGGITVTQMFGEVTEMPALPFMLAEFDGVVGMGFIEQAIGRVTPIFDNIISQGVLKEDVFSF
YYNRDSENSQSLGGQIVLGGSDPQHYEGNFHYINLIKTGVWQIQMKGVSVGSSTLLCEDGCLALVDTGASYISGSTSSIE
KLMEALGAKKRLFDYVVKCNEGPTLPDISFHLGGKEYTLTSADYVFQESYSSKKLCTLAIHAMDIPPPTGPTWALGATFI
RKFYTEFDRRNNRIGFALAR
;
_entity_poly.pdbx_strand_id   A,B
#
loop_
_chem_comp.id
_chem_comp.type
_chem_comp.name
_chem_comp.formula
RPF non-polymer 1-{4-[3-(2-METHOXY-BENZYLOXY)-PROPOXY]-PHENYL}-6-(1,2,,3,4-TETRAHYDRO-QUINOLIN-7-YLOXYMETHYL)-PIPERAZIN-2-ONE 'C31 H37 N3 O5'
#
# COMPACT_ATOMS: atom_id res chain seq x y z
N THR A 7 -30.37 -25.48 11.33
CA THR A 7 -29.01 -25.01 10.93
C THR A 7 -28.79 -23.49 10.86
N SER A 8 -27.62 -23.05 11.31
CA SER A 8 -27.25 -21.64 11.31
C SER A 8 -25.79 -21.52 10.91
N SER A 9 -25.49 -20.54 10.08
CA SER A 9 -24.11 -20.36 9.63
C SER A 9 -23.54 -19.02 10.09
N VAL A 10 -22.32 -19.06 10.61
CA VAL A 10 -21.64 -17.87 11.08
C VAL A 10 -20.55 -17.49 10.08
N ILE A 11 -20.62 -16.26 9.58
CA ILE A 11 -19.62 -15.80 8.63
C ILE A 11 -18.33 -15.52 9.38
N LEU A 12 -17.22 -15.91 8.79
CA LEU A 12 -15.94 -15.67 9.43
C LEU A 12 -15.11 -14.70 8.62
N THR A 13 -14.30 -13.92 9.32
CA THR A 13 -13.41 -12.99 8.68
C THR A 13 -12.06 -13.68 8.66
N ASN A 14 -11.42 -13.71 7.50
CA ASN A 14 -10.13 -14.34 7.42
C ASN A 14 -9.07 -13.27 7.44
N TYR A 15 -8.30 -13.25 8.53
CA TYR A 15 -7.24 -12.29 8.66
C TYR A 15 -5.91 -12.98 8.42
N MET A 16 -5.32 -12.71 7.27
CA MET A 16 -4.02 -13.25 6.88
C MET A 16 -3.82 -14.72 7.18
N ASP A 17 -4.83 -15.52 6.89
CA ASP A 17 -4.80 -16.96 7.09
C ASP A 17 -4.31 -17.47 8.46
N THR A 18 -4.17 -16.57 9.41
CA THR A 18 -3.75 -17.00 10.74
C THR A 18 -4.94 -16.89 11.67
N GLN A 19 -5.84 -15.94 11.39
CA GLN A 19 -6.98 -15.75 12.25
C GLN A 19 -8.33 -15.69 11.55
N TYR A 20 -9.15 -16.67 11.85
CA TYR A 20 -10.47 -16.73 11.29
C TYR A 20 -11.41 -16.52 12.46
N TYR A 21 -12.19 -15.45 12.41
CA TYR A 21 -13.07 -15.18 13.54
C TYR A 21 -14.43 -14.71 13.07
N GLY A 22 -15.42 -14.84 13.95
CA GLY A 22 -16.75 -14.43 13.60
C GLY A 22 -17.29 -13.47 14.62
N GLU A 23 -18.60 -13.27 14.59
CA GLU A 23 -19.24 -12.34 15.51
C GLU A 23 -20.30 -12.97 16.35
N ILE A 24 -20.25 -12.67 17.64
CA ILE A 24 -21.29 -13.12 18.56
C ILE A 24 -21.76 -11.84 19.23
N GLY A 25 -23.02 -11.84 19.64
CA GLY A 25 -23.54 -10.68 20.30
C GLY A 25 -23.74 -11.13 21.72
N ILE A 26 -23.31 -10.31 22.68
CA ILE A 26 -23.49 -10.66 24.09
C ILE A 26 -24.24 -9.55 24.83
N GLY A 27 -25.29 -9.95 25.55
CA GLY A 27 -26.07 -9.01 26.34
C GLY A 27 -27.26 -8.31 25.68
N THR A 28 -27.89 -7.45 26.46
CA THR A 28 -29.04 -6.68 25.99
C THR A 28 -28.74 -5.24 26.36
N PRO A 29 -28.42 -4.41 25.36
CA PRO A 29 -28.36 -4.83 23.96
C PRO A 29 -27.12 -5.67 23.64
N PRO A 30 -27.16 -6.38 22.52
CA PRO A 30 -26.06 -7.24 22.07
C PRO A 30 -24.74 -6.47 21.96
N GLN A 31 -23.75 -6.91 22.73
CA GLN A 31 -22.43 -6.33 22.66
C GLN A 31 -21.64 -7.27 21.74
N THR A 32 -21.35 -6.78 20.54
CA THR A 32 -20.66 -7.53 19.52
C THR A 32 -19.19 -7.83 19.83
N PHE A 33 -18.79 -9.06 19.59
CA PHE A 33 -17.42 -9.48 19.83
C PHE A 33 -16.90 -10.30 18.68
N LYS A 34 -15.72 -9.92 18.19
CA LYS A 34 -15.11 -10.68 17.11
C LYS A 34 -14.44 -11.85 17.84
N VAL A 35 -14.84 -13.06 17.51
CA VAL A 35 -14.30 -14.24 18.19
C VAL A 35 -13.91 -15.40 17.29
N VAL A 36 -12.95 -16.17 17.77
CA VAL A 36 -12.46 -17.36 17.09
C VAL A 36 -13.25 -18.50 17.67
N PHE A 37 -13.84 -19.32 16.81
CA PHE A 37 -14.58 -20.47 17.27
C PHE A 37 -13.57 -21.58 17.33
N ASP A 38 -13.19 -21.89 18.56
CA ASP A 38 -12.13 -22.84 18.90
C ASP A 38 -12.53 -24.23 19.35
N THR A 39 -12.25 -25.22 18.51
CA THR A 39 -12.56 -26.61 18.84
C THR A 39 -11.48 -27.16 19.75
N GLY A 40 -10.54 -26.30 20.14
CA GLY A 40 -9.46 -26.72 21.00
C GLY A 40 -9.72 -26.33 22.45
N SER A 41 -10.73 -25.50 22.66
CA SER A 41 -11.08 -25.07 24.01
C SER A 41 -12.57 -25.28 24.14
N SER A 42 -13.08 -25.24 25.36
CA SER A 42 -14.51 -25.45 25.57
C SER A 42 -15.14 -24.28 26.31
N ASN A 43 -14.39 -23.19 26.41
CA ASN A 43 -14.94 -22.03 27.09
C ASN A 43 -15.17 -20.82 26.20
N VAL A 44 -16.05 -19.95 26.67
CA VAL A 44 -16.32 -18.72 25.98
C VAL A 44 -15.53 -17.72 26.81
N TRP A 45 -14.65 -16.99 26.16
CA TRP A 45 -13.85 -16.02 26.87
C TRP A 45 -13.89 -14.72 26.09
N VAL A 46 -14.11 -13.63 26.81
CA VAL A 46 -14.12 -12.31 26.20
C VAL A 46 -13.52 -11.41 27.24
N PRO A 47 -12.80 -10.37 26.81
CA PRO A 47 -12.25 -9.52 27.86
C PRO A 47 -13.34 -8.78 28.62
N SER A 48 -13.14 -8.64 29.92
CA SER A 48 -14.07 -7.95 30.79
C SER A 48 -13.87 -6.45 30.71
N SER A 49 -14.94 -5.70 30.98
CA SER A 49 -14.80 -4.25 30.99
C SER A 49 -14.01 -4.00 32.29
N LYS A 50 -14.04 -4.98 33.18
CA LYS A 50 -13.34 -4.92 34.46
C LYS A 50 -11.87 -5.18 34.23
N CYS A 51 -11.52 -5.63 33.02
CA CYS A 51 -10.13 -5.90 32.73
C CYS A 51 -9.36 -4.59 32.86
N SER A 52 -8.35 -4.60 33.73
CA SER A 52 -7.53 -3.43 33.97
C SER A 52 -6.93 -2.89 32.67
N ARG A 53 -7.08 -1.60 32.46
CA ARG A 53 -6.55 -0.93 31.27
C ARG A 53 -5.05 -1.24 31.13
N LEU A 54 -4.43 -1.69 32.21
CA LEU A 54 -3.01 -2.01 32.20
C LEU A 54 -2.73 -3.20 31.27
N TYR A 55 -3.68 -4.13 31.22
CA TYR A 55 -3.56 -5.29 30.36
C TYR A 55 -3.79 -4.85 28.93
N THR A 56 -2.68 -4.61 28.23
CA THR A 56 -2.69 -4.15 26.84
C THR A 56 -3.70 -4.89 25.96
N ALA A 57 -3.78 -6.21 26.14
CA ALA A 57 -4.70 -7.01 25.36
C ALA A 57 -6.10 -6.43 25.52
N CYS A 58 -6.28 -5.69 26.61
CA CYS A 58 -7.58 -5.08 26.91
C CYS A 58 -7.74 -3.67 26.37
N VAL A 59 -6.64 -2.94 26.29
CA VAL A 59 -6.68 -1.58 25.78
C VAL A 59 -7.20 -1.55 24.34
N TYR A 60 -6.73 -2.48 23.53
CA TYR A 60 -7.16 -2.50 22.14
C TYR A 60 -8.13 -3.61 21.77
N HIS A 61 -9.08 -3.87 22.65
CA HIS A 61 -10.06 -4.90 22.38
C HIS A 61 -11.44 -4.61 22.94
N LYS A 62 -12.45 -5.17 22.27
CA LYS A 62 -13.82 -4.99 22.69
C LYS A 62 -13.93 -5.55 24.10
N LEU A 63 -14.45 -4.75 25.02
CA LEU A 63 -14.62 -5.21 26.38
C LEU A 63 -16.10 -5.46 26.63
N PHE A 64 -16.40 -6.54 27.34
CA PHE A 64 -17.77 -6.80 27.63
C PHE A 64 -18.08 -6.03 28.89
N ASP A 65 -19.12 -5.23 28.84
CA ASP A 65 -19.52 -4.41 29.96
C ASP A 65 -20.79 -5.00 30.53
N ALA A 66 -20.67 -5.67 31.66
CA ALA A 66 -21.84 -6.25 32.28
C ALA A 66 -22.88 -5.17 32.63
N SER A 67 -22.41 -4.05 33.13
CA SER A 67 -23.29 -2.97 33.52
C SER A 67 -23.93 -2.26 32.32
N ASP A 68 -23.92 -2.93 31.16
CA ASP A 68 -24.52 -2.39 29.94
C ASP A 68 -25.57 -3.37 29.43
N SER A 69 -25.62 -4.53 30.07
CA SER A 69 -26.57 -5.56 29.66
C SER A 69 -27.61 -5.79 30.72
N SER A 70 -28.88 -5.67 30.32
CA SER A 70 -30.02 -5.85 31.19
C SER A 70 -30.25 -7.32 31.48
N SER A 71 -29.75 -8.17 30.59
CA SER A 71 -29.90 -9.61 30.72
C SER A 71 -28.77 -10.30 31.51
N TYR A 72 -27.70 -9.57 31.75
CA TYR A 72 -26.54 -10.08 32.48
C TYR A 72 -26.97 -10.75 33.79
N LYS A 73 -26.34 -11.87 34.11
CA LYS A 73 -26.63 -12.57 35.35
C LYS A 73 -25.29 -12.83 36.01
N HIS A 74 -24.93 -11.97 36.95
CA HIS A 74 -23.68 -12.10 37.67
C HIS A 74 -23.49 -13.50 38.22
N ASN A 75 -22.22 -13.89 38.33
CA ASN A 75 -21.86 -15.18 38.91
C ASN A 75 -20.66 -14.90 39.81
N GLY A 76 -19.58 -14.37 39.24
CA GLY A 76 -18.40 -14.04 40.03
C GLY A 76 -17.33 -15.10 40.13
N THR A 77 -17.70 -16.37 40.04
CA THR A 77 -16.73 -17.47 40.14
C THR A 77 -15.49 -17.22 39.29
N GLU A 78 -14.36 -17.03 39.95
CA GLU A 78 -13.10 -16.77 39.24
C GLU A 78 -12.62 -17.99 38.45
N LEU A 79 -12.38 -17.77 37.16
CA LEU A 79 -11.92 -18.82 36.26
C LEU A 79 -10.46 -18.52 35.95
N THR A 80 -9.63 -19.56 35.87
CA THR A 80 -8.23 -19.36 35.58
C THR A 80 -7.73 -20.41 34.59
N LEU A 81 -6.70 -20.07 33.83
CA LEU A 81 -6.08 -21.00 32.88
C LEU A 81 -4.74 -20.45 32.42
N ARG A 82 -3.69 -21.24 32.65
CA ARG A 82 -2.35 -20.84 32.26
C ARG A 82 -2.11 -21.16 30.79
N TYR A 83 -1.71 -20.14 30.03
CA TYR A 83 -1.47 -20.29 28.60
C TYR A 83 0.02 -20.18 28.22
N SER A 84 0.88 -20.93 28.91
CA SER A 84 2.32 -20.91 28.62
C SER A 84 2.70 -19.60 27.94
N THR A 85 2.50 -18.50 28.65
CA THR A 85 2.80 -17.18 28.14
C THR A 85 2.27 -16.28 29.24
N GLY A 86 1.50 -16.90 30.12
CA GLY A 86 0.92 -16.19 31.24
C GLY A 86 -0.40 -16.85 31.62
N THR A 87 -0.74 -16.80 32.90
CA THR A 87 -2.00 -17.39 33.33
C THR A 87 -3.09 -16.33 33.26
N VAL A 88 -4.01 -16.51 32.31
CA VAL A 88 -5.11 -15.56 32.17
C VAL A 88 -6.18 -15.84 33.20
N SER A 89 -6.85 -14.79 33.63
CA SER A 89 -7.89 -14.94 34.62
C SER A 89 -9.06 -14.00 34.38
N GLY A 90 -10.23 -14.48 34.73
CA GLY A 90 -11.43 -13.71 34.58
C GLY A 90 -12.39 -14.29 35.58
N PHE A 91 -13.68 -14.05 35.40
CA PHE A 91 -14.67 -14.56 36.32
C PHE A 91 -15.83 -15.04 35.50
N LEU A 92 -16.59 -15.96 36.07
CA LEU A 92 -17.73 -16.50 35.37
C LEU A 92 -18.87 -15.47 35.31
N SER A 93 -19.49 -15.38 34.14
CA SER A 93 -20.63 -14.48 33.94
C SER A 93 -21.64 -15.17 33.06
N GLN A 94 -22.89 -14.76 33.18
CA GLN A 94 -23.96 -15.34 32.37
C GLN A 94 -24.73 -14.26 31.61
N ASP A 95 -25.08 -14.58 30.37
CA ASP A 95 -25.83 -13.64 29.55
C ASP A 95 -26.26 -14.31 28.26
N ILE A 96 -27.12 -13.63 27.51
CA ILE A 96 -27.58 -14.18 26.25
C ILE A 96 -26.52 -13.89 25.18
N ILE A 97 -26.05 -14.93 24.51
CA ILE A 97 -25.07 -14.77 23.46
C ILE A 97 -25.74 -15.14 22.15
N THR A 98 -25.67 -14.25 21.18
CA THR A 98 -26.24 -14.56 19.89
C THR A 98 -25.14 -15.10 19.00
N VAL A 99 -25.39 -16.23 18.36
CA VAL A 99 -24.41 -16.83 17.47
C VAL A 99 -25.15 -17.24 16.20
N GLY A 100 -24.91 -16.50 15.13
CA GLY A 100 -25.57 -16.80 13.88
C GLY A 100 -27.07 -16.93 14.03
N GLY A 101 -27.71 -15.86 14.45
CA GLY A 101 -29.16 -15.90 14.60
C GLY A 101 -29.66 -16.76 15.74
N ILE A 102 -28.77 -17.52 16.38
CA ILE A 102 -29.21 -18.35 17.50
C ILE A 102 -28.86 -17.67 18.81
N THR A 103 -29.88 -17.49 19.65
CA THR A 103 -29.69 -16.87 20.95
C THR A 103 -29.60 -17.94 22.03
N VAL A 104 -28.62 -17.82 22.92
CA VAL A 104 -28.45 -18.78 23.98
C VAL A 104 -28.00 -18.14 25.27
N THR A 105 -28.55 -18.62 26.39
CA THR A 105 -28.14 -18.11 27.70
C THR A 105 -26.84 -18.86 27.90
N GLN A 106 -25.75 -18.12 27.99
CA GLN A 106 -24.47 -18.77 28.10
C GLN A 106 -23.60 -18.22 29.21
N MET A 107 -22.96 -19.12 29.94
CA MET A 107 -22.04 -18.66 30.95
C MET A 107 -20.72 -18.58 30.23
N PHE A 108 -19.98 -17.52 30.50
CA PHE A 108 -18.70 -17.32 29.85
C PHE A 108 -17.74 -16.61 30.77
N GLY A 109 -16.49 -16.56 30.35
CA GLY A 109 -15.49 -15.89 31.15
C GLY A 109 -15.23 -14.52 30.58
N GLU A 110 -15.07 -13.55 31.47
CA GLU A 110 -14.74 -12.20 31.08
C GLU A 110 -13.31 -12.17 31.56
N VAL A 111 -12.36 -11.98 30.67
CA VAL A 111 -10.98 -11.94 31.10
C VAL A 111 -10.72 -10.59 31.73
N THR A 112 -10.21 -10.61 32.94
CA THR A 112 -9.91 -9.36 33.64
C THR A 112 -8.40 -9.22 33.69
N GLU A 113 -7.71 -10.31 33.40
CA GLU A 113 -6.26 -10.33 33.47
C GLU A 113 -5.73 -11.31 32.43
N MET A 114 -4.84 -10.83 31.57
CA MET A 114 -4.27 -11.68 30.55
C MET A 114 -3.05 -11.03 29.96
N PRO A 115 -2.00 -11.83 29.72
CA PRO A 115 -0.72 -11.38 29.16
C PRO A 115 -0.90 -10.78 27.77
N ALA A 116 0.00 -9.87 27.41
CA ALA A 116 -0.06 -9.22 26.11
C ALA A 116 0.06 -10.28 25.01
N LEU A 117 1.07 -11.13 25.14
CA LEU A 117 1.31 -12.19 24.18
C LEU A 117 0.44 -13.40 24.50
N PRO A 118 -0.34 -13.87 23.51
CA PRO A 118 -0.43 -13.30 22.15
C PRO A 118 -1.71 -12.50 21.96
N PHE A 119 -2.53 -12.47 23.01
CA PHE A 119 -3.82 -11.79 23.00
C PHE A 119 -3.81 -10.35 22.51
N MET A 120 -2.64 -9.70 22.55
CA MET A 120 -2.49 -8.32 22.11
C MET A 120 -2.60 -8.23 20.59
N LEU A 121 -2.06 -9.26 19.92
CA LEU A 121 -2.06 -9.31 18.46
C LEU A 121 -3.35 -9.80 17.83
N ALA A 122 -4.25 -10.32 18.65
CA ALA A 122 -5.51 -10.83 18.14
C ALA A 122 -6.38 -9.76 17.48
N GLU A 123 -6.86 -10.07 16.28
CA GLU A 123 -7.73 -9.18 15.52
C GLU A 123 -9.15 -9.35 16.07
N PHE A 124 -9.34 -10.41 16.84
CA PHE A 124 -10.63 -10.71 17.46
C PHE A 124 -10.50 -10.47 18.95
N ASP A 125 -11.63 -10.45 19.65
CA ASP A 125 -11.62 -10.18 21.08
C ASP A 125 -11.81 -11.37 22.00
N GLY A 126 -12.29 -12.49 21.46
CA GLY A 126 -12.50 -13.62 22.33
C GLY A 126 -12.60 -14.98 21.66
N VAL A 127 -12.81 -15.99 22.50
CA VAL A 127 -12.89 -17.35 22.02
C VAL A 127 -14.20 -18.00 22.38
N VAL A 128 -14.77 -18.67 21.38
CA VAL A 128 -15.98 -19.41 21.56
C VAL A 128 -15.47 -20.84 21.53
N GLY A 129 -15.35 -21.43 22.71
CA GLY A 129 -14.85 -22.79 22.80
C GLY A 129 -15.86 -23.76 22.21
N MET A 130 -15.41 -24.53 21.22
CA MET A 130 -16.30 -25.49 20.59
C MET A 130 -16.03 -26.90 21.13
N GLY A 131 -15.00 -27.01 21.97
CA GLY A 131 -14.66 -28.28 22.57
C GLY A 131 -15.76 -28.84 23.46
N PHE A 132 -15.46 -29.95 24.13
CA PHE A 132 -16.43 -30.59 24.99
C PHE A 132 -16.39 -30.06 26.42
N ILE A 133 -17.49 -30.26 27.15
CA ILE A 133 -17.61 -29.79 28.51
C ILE A 133 -16.62 -30.49 29.43
N GLU A 134 -16.22 -31.70 29.05
CA GLU A 134 -15.26 -32.47 29.84
C GLU A 134 -14.02 -31.62 30.08
N GLN A 135 -13.73 -30.70 29.16
CA GLN A 135 -12.56 -29.85 29.30
C GLN A 135 -12.86 -28.39 29.55
N ALA A 136 -14.12 -28.08 29.85
CA ALA A 136 -14.50 -26.70 30.13
C ALA A 136 -14.09 -26.28 31.53
N ILE A 137 -13.24 -25.26 31.63
CA ILE A 137 -12.83 -24.78 32.94
C ILE A 137 -14.09 -24.49 33.72
N GLY A 138 -14.01 -24.62 35.04
CA GLY A 138 -15.19 -24.37 35.85
C GLY A 138 -16.32 -25.29 35.44
N ARG A 139 -16.00 -26.25 34.58
CA ARG A 139 -16.97 -27.22 34.10
C ARG A 139 -18.17 -26.55 33.43
N VAL A 140 -18.03 -25.25 33.14
CA VAL A 140 -19.08 -24.46 32.51
C VAL A 140 -19.63 -25.10 31.22
N THR A 141 -20.94 -25.27 31.12
CA THR A 141 -21.55 -25.87 29.93
C THR A 141 -21.21 -25.11 28.64
N PRO A 142 -20.53 -25.77 27.68
CA PRO A 142 -20.18 -25.07 26.44
C PRO A 142 -21.36 -24.50 25.67
N ILE A 143 -21.04 -23.46 24.90
CA ILE A 143 -22.01 -22.76 24.10
C ILE A 143 -22.79 -23.70 23.16
N PHE A 144 -22.08 -24.56 22.43
CA PHE A 144 -22.75 -25.46 21.50
C PHE A 144 -23.58 -26.52 22.19
N ASP A 145 -23.16 -26.94 23.39
CA ASP A 145 -23.94 -27.91 24.15
C ASP A 145 -25.23 -27.18 24.47
N ASN A 146 -25.10 -25.89 24.75
CA ASN A 146 -26.24 -25.03 25.07
C ASN A 146 -27.15 -24.83 23.87
N ILE A 147 -26.60 -24.92 22.68
CA ILE A 147 -27.42 -24.74 21.48
C ILE A 147 -28.14 -26.06 21.20
N ILE A 148 -27.42 -27.16 21.40
CA ILE A 148 -27.97 -28.49 21.20
C ILE A 148 -29.20 -28.68 22.09
N SER A 149 -29.07 -28.22 23.33
CA SER A 149 -30.15 -28.32 24.31
C SER A 149 -31.43 -27.73 23.76
N GLN A 150 -31.28 -26.72 22.91
CA GLN A 150 -32.44 -26.07 22.33
C GLN A 150 -33.15 -26.96 21.32
N GLY A 151 -32.50 -28.05 20.93
CA GLY A 151 -33.10 -28.96 19.97
C GLY A 151 -33.61 -28.28 18.71
N VAL A 152 -32.94 -27.22 18.27
CA VAL A 152 -33.35 -26.52 17.06
C VAL A 152 -32.45 -26.94 15.89
N LEU A 153 -31.18 -27.18 16.16
CA LEU A 153 -30.26 -27.59 15.12
C LEU A 153 -30.70 -28.86 14.41
N LYS A 154 -30.61 -28.85 13.09
CA LYS A 154 -30.98 -30.01 12.28
C LYS A 154 -30.09 -31.22 12.57
N GLU A 155 -28.90 -30.97 13.12
CA GLU A 155 -27.98 -32.05 13.46
C GLU A 155 -26.98 -31.65 14.54
N ASP A 156 -26.63 -32.59 15.42
CA ASP A 156 -25.70 -32.34 16.51
C ASP A 156 -24.28 -32.26 15.98
N VAL A 157 -24.04 -31.32 15.07
CA VAL A 157 -22.73 -31.13 14.48
C VAL A 157 -22.54 -29.70 14.00
N PHE A 158 -21.29 -29.26 13.94
CA PHE A 158 -20.96 -27.94 13.45
C PHE A 158 -19.77 -28.16 12.53
N SER A 159 -19.66 -27.34 11.48
CA SER A 159 -18.57 -27.47 10.51
C SER A 159 -17.74 -26.20 10.32
N PHE A 160 -16.52 -26.39 9.84
CA PHE A 160 -15.65 -25.27 9.59
C PHE A 160 -15.15 -25.19 8.17
N TYR A 161 -15.24 -23.97 7.63
CA TYR A 161 -14.77 -23.65 6.30
C TYR A 161 -13.88 -22.44 6.48
N TYR A 162 -12.58 -22.63 6.29
CA TYR A 162 -11.61 -21.53 6.38
C TYR A 162 -11.14 -21.26 4.97
N ASN A 163 -11.64 -20.18 4.40
CA ASN A 163 -11.30 -19.77 3.05
C ASN A 163 -9.81 -19.51 2.96
N ARG A 164 -9.32 -19.47 1.72
CA ARG A 164 -7.93 -19.25 1.42
C ARG A 164 -7.67 -17.77 1.14
N ASP A 165 -8.20 -16.94 2.03
CA ASP A 165 -8.07 -15.48 2.00
C ASP A 165 -8.54 -14.83 0.69
N SER A 166 -8.64 -13.49 0.71
CA SER A 166 -9.09 -12.72 -0.45
C SER A 166 -8.86 -11.22 -0.26
N GLU A 167 -9.09 -10.46 -1.22
N LEU A 172 -16.24 -15.17 0.99
CA LEU A 172 -16.24 -15.15 2.47
C LEU A 172 -14.89 -15.64 3.01
N GLY A 173 -14.44 -15.06 4.12
CA GLY A 173 -13.17 -15.45 4.68
C GLY A 173 -13.23 -16.82 5.33
N GLY A 174 -14.46 -17.22 5.68
CA GLY A 174 -14.64 -18.51 6.31
C GLY A 174 -16.10 -18.71 6.64
N GLN A 175 -16.43 -19.89 7.18
CA GLN A 175 -17.80 -20.16 7.53
C GLN A 175 -17.97 -21.35 8.43
N ILE A 176 -18.71 -21.11 9.51
CA ILE A 176 -19.01 -22.16 10.45
C ILE A 176 -20.47 -22.47 10.32
N VAL A 177 -20.79 -23.74 10.26
CA VAL A 177 -22.17 -24.11 10.17
C VAL A 177 -22.53 -24.85 11.44
N LEU A 178 -23.51 -24.29 12.14
CA LEU A 178 -24.02 -24.86 13.37
C LEU A 178 -25.17 -25.74 12.89
N GLY A 179 -25.15 -27.02 13.22
CA GLY A 179 -26.23 -27.90 12.82
C GLY A 179 -26.01 -28.74 11.58
N GLY A 180 -24.98 -28.43 10.82
CA GLY A 180 -24.72 -29.22 9.63
C GLY A 180 -23.37 -28.89 9.04
N SER A 181 -23.34 -28.83 7.71
CA SER A 181 -22.16 -28.53 6.94
C SER A 181 -22.68 -27.97 5.62
N ASP A 182 -21.90 -27.13 4.96
CA ASP A 182 -22.34 -26.53 3.70
C ASP A 182 -21.68 -27.18 2.49
N PRO A 183 -22.45 -27.97 1.72
CA PRO A 183 -21.96 -28.67 0.53
C PRO A 183 -21.28 -27.71 -0.43
N GLN A 184 -21.67 -26.46 -0.34
CA GLN A 184 -21.11 -25.44 -1.20
C GLN A 184 -19.63 -25.18 -0.88
N HIS A 185 -19.16 -25.67 0.27
CA HIS A 185 -17.77 -25.45 0.66
C HIS A 185 -16.84 -26.65 0.76
N TYR A 186 -17.26 -27.76 0.18
CA TYR A 186 -16.44 -28.94 0.16
C TYR A 186 -16.92 -29.73 -1.03
N GLU A 187 -16.16 -30.75 -1.41
CA GLU A 187 -16.50 -31.57 -2.54
C GLU A 187 -16.01 -32.97 -2.24
N GLY A 188 -16.47 -33.95 -3.00
CA GLY A 188 -16.05 -35.31 -2.74
C GLY A 188 -16.87 -35.64 -1.50
N ASN A 189 -16.48 -36.66 -0.76
CA ASN A 189 -17.28 -37.00 0.40
C ASN A 189 -16.55 -36.93 1.72
N PHE A 190 -17.33 -36.82 2.79
CA PHE A 190 -16.75 -36.78 4.10
C PHE A 190 -16.22 -38.14 4.48
N HIS A 191 -14.98 -38.16 4.95
CA HIS A 191 -14.34 -39.37 5.42
C HIS A 191 -14.15 -39.08 6.90
N TYR A 192 -14.87 -39.82 7.73
CA TYR A 192 -14.83 -39.60 9.14
C TYR A 192 -13.83 -40.41 9.93
N ILE A 193 -13.16 -39.75 10.86
CA ILE A 193 -12.21 -40.39 11.74
C ILE A 193 -12.91 -40.30 13.09
N ASN A 194 -12.88 -41.38 13.87
CA ASN A 194 -13.52 -41.36 15.18
C ASN A 194 -12.66 -40.61 16.18
N LEU A 195 -13.30 -40.12 17.24
CA LEU A 195 -12.58 -39.43 18.31
C LEU A 195 -12.04 -40.49 19.25
N ILE A 196 -10.72 -40.47 19.48
CA ILE A 196 -10.10 -41.42 20.40
C ILE A 196 -10.76 -41.17 21.77
N LYS A 197 -10.08 -40.39 22.59
CA LYS A 197 -10.60 -40.04 23.90
C LYS A 197 -11.78 -39.12 23.66
N THR A 198 -12.94 -39.45 24.21
CA THR A 198 -14.11 -38.61 24.02
C THR A 198 -14.08 -37.47 25.02
N GLY A 199 -14.34 -36.26 24.54
CA GLY A 199 -14.31 -35.08 25.37
C GLY A 199 -13.32 -34.12 24.77
N VAL A 200 -12.77 -34.52 23.63
CA VAL A 200 -11.78 -33.72 22.91
C VAL A 200 -11.89 -33.96 21.40
N TRP A 201 -11.81 -32.90 20.61
CA TRP A 201 -11.87 -33.05 19.17
C TRP A 201 -10.48 -33.51 18.69
N GLN A 202 -10.15 -34.73 19.08
CA GLN A 202 -8.87 -35.35 18.77
C GLN A 202 -9.06 -36.72 18.11
N ILE A 203 -8.23 -37.01 17.10
CA ILE A 203 -8.32 -38.28 16.42
C ILE A 203 -6.96 -38.96 16.34
N GLN A 204 -6.99 -40.27 16.18
CA GLN A 204 -5.78 -41.08 16.05
C GLN A 204 -5.17 -40.72 14.71
N MET A 205 -3.85 -40.60 14.64
CA MET A 205 -3.22 -40.28 13.37
C MET A 205 -2.20 -41.35 13.01
N LYS A 206 -2.43 -42.01 11.87
CA LYS A 206 -1.55 -43.07 11.38
C LYS A 206 -0.33 -42.46 10.71
N GLY A 207 0.47 -41.73 11.48
CA GLY A 207 1.66 -41.12 10.93
C GLY A 207 1.48 -39.92 10.04
N VAL A 208 2.60 -39.23 9.81
CA VAL A 208 2.64 -38.06 8.97
C VAL A 208 3.75 -38.35 7.99
N SER A 209 3.50 -38.06 6.71
CA SER A 209 4.48 -38.31 5.68
C SER A 209 5.10 -37.06 5.09
N VAL A 210 6.30 -37.24 4.56
CA VAL A 210 7.05 -36.17 3.93
C VAL A 210 7.29 -36.57 2.49
N GLY A 211 6.56 -35.95 1.57
CA GLY A 211 6.68 -36.27 0.17
C GLY A 211 6.57 -37.78 -0.03
N SER A 212 7.71 -38.45 -0.11
CA SER A 212 7.76 -39.89 -0.32
C SER A 212 8.58 -40.58 0.80
N SER A 213 8.04 -40.54 2.03
CA SER A 213 8.70 -41.15 3.18
C SER A 213 7.93 -40.92 4.50
N THR A 214 7.31 -41.99 5.01
CA THR A 214 6.55 -41.92 6.26
C THR A 214 7.52 -41.80 7.42
N LEU A 215 8.25 -40.70 7.47
CA LEU A 215 9.24 -40.50 8.53
C LEU A 215 8.76 -39.65 9.69
N LEU A 216 7.56 -39.92 10.18
CA LEU A 216 7.01 -39.17 11.31
C LEU A 216 5.74 -39.77 11.87
N CYS A 217 5.53 -39.56 13.17
CA CYS A 217 4.36 -40.08 13.87
C CYS A 217 4.22 -41.59 13.65
N GLU A 218 5.23 -42.18 13.03
CA GLU A 218 5.24 -43.61 12.78
C GLU A 218 4.78 -44.30 14.06
N ASP A 219 4.03 -45.39 13.92
CA ASP A 219 3.49 -46.14 15.06
C ASP A 219 2.20 -45.49 15.55
N GLY A 220 1.99 -44.26 15.13
CA GLY A 220 0.78 -43.55 15.53
C GLY A 220 1.04 -42.36 16.41
N CYS A 221 0.03 -41.53 16.54
CA CYS A 221 0.09 -40.31 17.34
C CYS A 221 -1.30 -39.67 17.32
N LEU A 222 -1.49 -38.67 18.15
CA LEU A 222 -2.78 -38.00 18.21
C LEU A 222 -2.79 -36.67 17.46
N ALA A 223 -3.94 -36.36 16.86
CA ALA A 223 -4.10 -35.11 16.12
C ALA A 223 -5.28 -34.31 16.67
N LEU A 224 -5.00 -33.12 17.20
CA LEU A 224 -6.05 -32.27 17.72
C LEU A 224 -6.57 -31.47 16.53
N VAL A 225 -7.84 -31.63 16.18
CA VAL A 225 -8.39 -30.88 15.06
C VAL A 225 -8.84 -29.57 15.69
N ASP A 226 -7.93 -28.62 15.69
CA ASP A 226 -8.12 -27.33 16.33
C ASP A 226 -8.46 -26.17 15.40
N THR A 227 -9.74 -25.85 15.31
CA THR A 227 -10.18 -24.75 14.45
C THR A 227 -9.59 -23.43 14.95
N GLY A 228 -9.18 -23.43 16.20
CA GLY A 228 -8.61 -22.21 16.78
C GLY A 228 -7.15 -21.97 16.46
N ALA A 229 -6.39 -23.03 16.20
CA ALA A 229 -4.97 -22.89 15.90
C ALA A 229 -4.71 -22.40 14.48
N SER A 230 -3.87 -21.38 14.36
CA SER A 230 -3.52 -20.80 13.07
C SER A 230 -2.85 -21.81 12.14
N TYR A 231 -1.95 -22.60 12.71
CA TYR A 231 -1.17 -23.59 11.98
C TYR A 231 -1.42 -25.03 12.39
N ILE A 232 -0.55 -25.88 11.88
CA ILE A 232 -0.55 -27.30 12.19
C ILE A 232 0.64 -27.39 13.14
N SER A 233 0.54 -28.23 14.16
CA SER A 233 1.63 -28.34 15.10
C SER A 233 1.82 -29.75 15.62
N GLY A 234 2.92 -29.93 16.35
CA GLY A 234 3.25 -31.23 16.93
C GLY A 234 4.35 -30.99 17.93
N SER A 235 4.78 -32.04 18.63
CA SER A 235 5.86 -31.91 19.61
C SER A 235 7.05 -31.29 18.89
N THR A 236 7.85 -30.52 19.62
CA THR A 236 9.01 -29.88 19.03
C THR A 236 9.86 -30.94 18.33
N SER A 237 9.92 -32.13 18.89
CA SER A 237 10.69 -33.22 18.30
C SER A 237 10.25 -33.38 16.86
N SER A 238 8.99 -33.79 16.68
CA SER A 238 8.41 -34.00 15.38
C SER A 238 8.61 -32.82 14.43
N ILE A 239 8.50 -31.61 14.95
CA ILE A 239 8.65 -30.42 14.12
C ILE A 239 10.11 -30.14 13.75
N GLU A 240 11.03 -30.43 14.66
CA GLU A 240 12.45 -30.22 14.39
C GLU A 240 12.83 -31.22 13.30
N LYS A 241 12.25 -32.41 13.41
CA LYS A 241 12.49 -33.47 12.44
C LYS A 241 11.91 -33.02 11.11
N LEU A 242 10.59 -32.79 11.11
CA LEU A 242 9.85 -32.35 9.93
C LEU A 242 10.47 -31.16 9.23
N MET A 243 10.64 -30.06 9.96
CA MET A 243 11.20 -28.86 9.36
C MET A 243 12.60 -29.05 8.76
N GLU A 244 13.42 -29.88 9.39
CA GLU A 244 14.75 -30.09 8.84
C GLU A 244 14.64 -30.94 7.58
N ALA A 245 13.68 -31.86 7.57
CA ALA A 245 13.47 -32.73 6.42
C ALA A 245 12.92 -31.98 5.21
N LEU A 246 12.46 -30.74 5.43
CA LEU A 246 11.93 -29.92 4.35
C LEU A 246 12.97 -28.92 3.87
N GLY A 247 13.95 -28.65 4.73
CA GLY A 247 14.98 -27.69 4.40
C GLY A 247 14.61 -26.40 5.11
N ALA A 248 13.68 -26.54 6.05
CA ALA A 248 13.19 -25.43 6.84
C ALA A 248 14.24 -24.89 7.79
N LYS A 249 14.66 -23.66 7.56
CA LYS A 249 15.67 -23.01 8.40
C LYS A 249 14.97 -22.17 9.46
N LYS A 250 14.95 -22.69 10.69
CA LYS A 250 14.32 -22.04 11.84
C LYS A 250 14.71 -20.57 12.10
N ARG A 251 13.72 -19.77 12.49
CA ARG A 251 13.96 -18.36 12.80
C ARG A 251 13.83 -18.15 14.31
N LEU A 252 13.54 -16.92 14.71
CA LEU A 252 13.39 -16.59 16.13
C LEU A 252 12.34 -17.51 16.75
N PHE A 253 11.34 -17.87 15.95
CA PHE A 253 10.27 -18.76 16.39
C PHE A 253 9.93 -19.72 15.25
N ASP A 254 8.97 -19.31 14.44
CA ASP A 254 8.51 -20.09 13.30
C ASP A 254 9.66 -20.39 12.33
N TYR A 255 9.54 -21.49 11.60
CA TYR A 255 10.55 -21.88 10.63
C TYR A 255 10.20 -21.28 9.27
N VAL A 256 11.20 -21.06 8.43
CA VAL A 256 10.97 -20.49 7.10
C VAL A 256 11.71 -21.23 6.01
N VAL A 257 11.80 -20.61 4.83
CA VAL A 257 12.46 -21.19 3.67
C VAL A 257 12.38 -20.16 2.55
N LYS A 258 13.48 -19.96 1.84
CA LYS A 258 13.52 -18.99 0.74
C LYS A 258 12.26 -19.10 -0.09
N CYS A 259 11.60 -17.98 -0.33
CA CYS A 259 10.37 -17.97 -1.11
C CYS A 259 10.49 -18.72 -2.43
N ASN A 260 11.44 -18.31 -3.26
CA ASN A 260 11.62 -18.95 -4.57
C ASN A 260 11.71 -20.46 -4.46
N GLU A 261 11.93 -20.98 -3.25
CA GLU A 261 12.03 -22.42 -3.08
C GLU A 261 10.87 -23.07 -2.32
N GLY A 262 9.81 -22.31 -2.08
CA GLY A 262 8.67 -22.85 -1.37
C GLY A 262 7.89 -23.87 -2.19
N PRO A 263 7.68 -23.61 -3.48
CA PRO A 263 6.95 -24.51 -4.38
C PRO A 263 7.60 -25.90 -4.56
N THR A 264 8.89 -26.01 -4.27
CA THR A 264 9.57 -27.30 -4.42
C THR A 264 9.52 -28.16 -3.16
N LEU A 265 9.20 -27.53 -2.04
CA LEU A 265 9.14 -28.26 -0.78
C LEU A 265 8.17 -29.44 -0.96
N PRO A 266 8.53 -30.60 -0.39
CA PRO A 266 7.75 -31.83 -0.46
C PRO A 266 6.36 -31.76 0.19
N ASP A 267 5.47 -32.64 -0.25
CA ASP A 267 4.11 -32.72 0.27
C ASP A 267 4.06 -33.30 1.67
N ILE A 268 3.30 -32.68 2.55
CA ILE A 268 3.15 -33.19 3.90
C ILE A 268 1.82 -33.91 3.92
N SER A 269 1.79 -35.13 4.42
CA SER A 269 0.54 -35.87 4.48
C SER A 269 0.27 -36.40 5.87
N PHE A 270 -1.00 -36.41 6.25
CA PHE A 270 -1.39 -36.89 7.55
C PHE A 270 -2.35 -38.03 7.31
N HIS A 271 -2.11 -39.16 7.96
CA HIS A 271 -2.98 -40.30 7.78
C HIS A 271 -4.05 -40.38 8.83
N LEU A 272 -5.30 -40.20 8.39
CA LEU A 272 -6.45 -40.20 9.29
C LEU A 272 -7.64 -40.91 8.66
N GLY A 273 -8.19 -41.89 9.37
CA GLY A 273 -9.36 -42.63 8.90
C GLY A 273 -9.20 -43.49 7.65
N GLY A 274 -7.97 -43.89 7.35
CA GLY A 274 -7.76 -44.70 6.17
C GLY A 274 -7.64 -43.84 4.91
N LYS A 275 -7.39 -42.55 5.10
CA LYS A 275 -7.24 -41.66 3.98
C LYS A 275 -5.99 -40.83 4.24
N GLU A 276 -5.34 -40.41 3.17
CA GLU A 276 -4.12 -39.62 3.26
C GLU A 276 -4.48 -38.16 3.00
N TYR A 277 -4.23 -37.29 3.97
CA TYR A 277 -4.52 -35.86 3.81
C TYR A 277 -3.24 -35.11 3.53
N THR A 278 -3.09 -34.80 2.25
CA THR A 278 -1.91 -34.14 1.76
C THR A 278 -1.97 -32.63 1.65
N LEU A 279 -0.88 -32.01 2.05
CA LEU A 279 -0.77 -30.58 1.95
C LEU A 279 0.35 -30.31 0.97
N THR A 280 -0.02 -29.83 -0.20
CA THR A 280 0.97 -29.50 -1.21
C THR A 280 1.78 -28.36 -0.57
N SER A 281 2.90 -27.97 -1.16
CA SER A 281 3.69 -26.90 -0.55
C SER A 281 2.92 -25.58 -0.57
N ALA A 282 1.93 -25.46 -1.44
CA ALA A 282 1.15 -24.24 -1.49
C ALA A 282 0.11 -24.20 -0.36
N ASP A 283 -0.01 -25.31 0.36
CA ASP A 283 -0.96 -25.42 1.47
C ASP A 283 -0.38 -24.99 2.81
N TYR A 284 0.91 -25.25 3.03
CA TYR A 284 1.53 -24.91 4.30
C TYR A 284 2.57 -23.79 4.24
N VAL A 285 2.78 -23.21 3.08
CA VAL A 285 3.76 -22.12 2.99
C VAL A 285 3.06 -20.82 2.74
N PHE A 286 3.48 -19.78 3.47
CA PHE A 286 2.91 -18.46 3.26
C PHE A 286 3.76 -17.88 2.16
N GLN A 287 3.36 -18.20 0.94
CA GLN A 287 4.04 -17.76 -0.26
C GLN A 287 3.80 -16.28 -0.47
N GLU A 288 4.37 -15.46 0.41
CA GLU A 288 4.22 -14.01 0.34
C GLU A 288 4.68 -13.50 -1.02
N SER A 289 5.80 -14.04 -1.48
CA SER A 289 6.38 -13.69 -2.78
C SER A 289 7.15 -14.89 -3.32
N TYR A 290 7.80 -14.71 -4.46
CA TYR A 290 8.58 -15.80 -5.03
C TYR A 290 10.04 -15.40 -5.18
N SER A 291 10.36 -14.24 -4.62
CA SER A 291 11.73 -13.73 -4.67
C SER A 291 12.68 -14.70 -4.00
N SER A 292 13.98 -14.44 -4.12
CA SER A 292 14.99 -15.31 -3.54
C SER A 292 15.60 -14.66 -2.31
N LYS A 293 15.54 -13.34 -2.26
CA LYS A 293 16.09 -12.55 -1.16
C LYS A 293 15.23 -12.64 0.11
N LYS A 294 13.92 -12.46 -0.06
CA LYS A 294 13.00 -12.52 1.08
C LYS A 294 12.71 -13.95 1.50
N LEU A 295 12.42 -14.12 2.79
CA LEU A 295 12.11 -15.43 3.35
C LEU A 295 10.58 -15.57 3.48
N CYS A 296 10.09 -16.78 3.31
CA CYS A 296 8.67 -17.05 3.41
C CYS A 296 8.43 -18.06 4.52
N THR A 297 7.41 -17.80 5.35
CA THR A 297 7.09 -18.65 6.50
C THR A 297 6.23 -19.89 6.21
N LEU A 298 6.34 -20.87 7.10
CA LEU A 298 5.56 -22.10 6.97
C LEU A 298 4.43 -22.13 7.99
N ALA A 299 3.24 -22.48 7.52
CA ALA A 299 2.07 -22.55 8.36
C ALA A 299 2.16 -23.70 9.36
N ILE A 300 3.35 -23.97 9.85
CA ILE A 300 3.55 -25.05 10.82
C ILE A 300 4.53 -24.58 11.88
N HIS A 301 4.34 -25.07 13.10
CA HIS A 301 5.22 -24.72 14.18
C HIS A 301 5.19 -25.80 15.24
N ALA A 302 6.10 -25.73 16.20
CA ALA A 302 6.14 -26.71 17.27
C ALA A 302 5.24 -26.25 18.40
N MET A 303 4.30 -27.09 18.79
CA MET A 303 3.40 -26.77 19.88
C MET A 303 3.48 -27.95 20.83
N ASP A 304 4.20 -27.77 21.93
CA ASP A 304 4.32 -28.85 22.91
C ASP A 304 3.12 -28.79 23.82
N ILE A 305 2.03 -29.42 23.38
CA ILE A 305 0.81 -29.43 24.17
C ILE A 305 0.88 -30.42 25.31
N PRO A 306 0.64 -29.95 26.54
CA PRO A 306 0.67 -30.76 27.76
C PRO A 306 -0.53 -31.67 27.92
N PRO A 307 -0.31 -32.85 28.51
CA PRO A 307 -1.36 -33.84 28.75
C PRO A 307 -2.58 -33.22 29.43
N PRO A 308 -3.69 -33.95 29.49
CA PRO A 308 -3.86 -35.30 28.95
C PRO A 308 -3.91 -35.33 27.43
N THR A 309 -4.52 -34.32 26.84
CA THR A 309 -4.63 -34.24 25.39
C THR A 309 -3.29 -34.27 24.67
N GLY A 310 -2.29 -33.63 25.25
CA GLY A 310 -0.97 -33.61 24.64
C GLY A 310 -0.05 -34.64 25.30
N PRO A 311 1.09 -34.99 24.67
CA PRO A 311 1.54 -34.46 23.39
C PRO A 311 0.56 -34.87 22.31
N THR A 312 0.41 -34.03 21.30
CA THR A 312 -0.52 -34.33 20.23
C THR A 312 -0.32 -33.30 19.15
N TRP A 313 -0.33 -33.73 17.90
CA TRP A 313 -0.21 -32.77 16.82
C TRP A 313 -1.51 -32.01 16.88
N ALA A 314 -1.56 -30.88 16.17
CA ALA A 314 -2.78 -30.10 16.13
C ALA A 314 -2.94 -29.65 14.70
N LEU A 315 -4.07 -29.96 14.11
CA LEU A 315 -4.34 -29.57 12.75
C LEU A 315 -5.18 -28.29 12.83
N GLY A 316 -4.55 -27.17 12.50
CA GLY A 316 -5.25 -25.91 12.57
C GLY A 316 -5.70 -25.38 11.22
N ALA A 317 -5.85 -24.07 11.13
CA ALA A 317 -6.30 -23.41 9.92
C ALA A 317 -5.58 -23.95 8.68
N THR A 318 -4.27 -24.15 8.79
CA THR A 318 -3.53 -24.64 7.65
C THR A 318 -4.18 -25.89 7.10
N PHE A 319 -4.48 -26.83 7.98
CA PHE A 319 -5.11 -28.07 7.59
C PHE A 319 -6.55 -27.81 7.14
N ILE A 320 -7.33 -27.15 8.00
CA ILE A 320 -8.73 -26.85 7.70
C ILE A 320 -8.96 -26.12 6.37
N ARG A 321 -8.07 -25.19 6.02
CA ARG A 321 -8.20 -24.45 4.77
C ARG A 321 -8.33 -25.38 3.56
N LYS A 322 -7.60 -26.49 3.56
CA LYS A 322 -7.68 -27.41 2.45
C LYS A 322 -8.79 -28.42 2.66
N PHE A 323 -9.00 -28.82 3.90
CA PHE A 323 -10.02 -29.81 4.19
C PHE A 323 -11.16 -29.33 5.07
N TYR A 324 -12.26 -28.99 4.42
CA TYR A 324 -13.46 -28.57 5.13
C TYR A 324 -13.63 -29.57 6.25
N THR A 325 -13.88 -29.09 7.46
CA THR A 325 -14.00 -30.00 8.59
C THR A 325 -15.35 -30.01 9.29
N GLU A 326 -15.79 -31.21 9.65
CA GLU A 326 -17.04 -31.36 10.37
C GLU A 326 -16.81 -32.03 11.72
N PHE A 327 -17.35 -31.39 12.77
CA PHE A 327 -17.25 -31.93 14.09
C PHE A 327 -18.63 -32.47 14.40
N ASP A 328 -18.70 -33.79 14.49
CA ASP A 328 -19.95 -34.50 14.74
C ASP A 328 -20.02 -34.96 16.19
N ARG A 329 -20.91 -34.33 16.95
CA ARG A 329 -21.07 -34.65 18.35
C ARG A 329 -21.81 -35.96 18.58
N ARG A 330 -22.99 -36.09 17.96
CA ARG A 330 -23.82 -37.27 18.11
C ARG A 330 -23.07 -38.57 17.92
N ASN A 331 -22.10 -38.56 17.00
CA ASN A 331 -21.34 -39.76 16.69
C ASN A 331 -19.88 -39.73 17.13
N ASN A 332 -19.50 -38.68 17.87
CA ASN A 332 -18.13 -38.53 18.37
C ASN A 332 -17.06 -38.78 17.30
N ARG A 333 -17.25 -38.16 16.14
CA ARG A 333 -16.33 -38.28 15.02
C ARG A 333 -16.14 -36.94 14.32
N ILE A 334 -15.14 -36.89 13.45
CA ILE A 334 -14.82 -35.69 12.71
C ILE A 334 -14.78 -36.03 11.23
N GLY A 335 -15.47 -35.23 10.44
CA GLY A 335 -15.45 -35.45 9.01
C GLY A 335 -14.47 -34.47 8.39
N PHE A 336 -13.89 -34.87 7.27
CA PHE A 336 -12.96 -34.03 6.53
C PHE A 336 -13.36 -34.23 5.08
N ALA A 337 -13.48 -33.14 4.33
CA ALA A 337 -13.81 -33.24 2.93
C ALA A 337 -13.03 -32.14 2.23
N LEU A 338 -12.69 -32.35 0.96
CA LEU A 338 -11.93 -31.36 0.23
C LEU A 338 -12.62 -29.99 0.28
N ALA A 339 -12.00 -29.03 0.98
CA ALA A 339 -12.55 -27.67 1.06
C ALA A 339 -12.64 -27.17 -0.37
N ARG A 340 -13.72 -26.44 -0.65
CA ARG A 340 -13.98 -25.91 -1.98
C ARG A 340 -14.27 -24.41 -1.98
N THR B 7 5.63 38.65 -1.03
CA THR B 7 6.12 37.32 -1.50
C THR B 7 5.12 36.18 -1.33
N SER B 8 5.22 35.18 -2.21
CA SER B 8 4.29 34.07 -2.16
C SER B 8 4.98 32.75 -2.47
N SER B 9 4.89 31.82 -1.53
CA SER B 9 5.50 30.49 -1.67
C SER B 9 4.46 29.41 -1.88
N VAL B 10 4.77 28.44 -2.73
CA VAL B 10 3.87 27.32 -2.95
C VAL B 10 4.72 26.08 -2.93
N ILE B 11 4.47 25.19 -1.96
CA ILE B 11 5.23 23.96 -1.82
C ILE B 11 4.96 22.99 -2.98
N LEU B 12 6.02 22.41 -3.53
CA LEU B 12 5.87 21.48 -4.63
C LEU B 12 6.13 20.02 -4.23
N THR B 13 5.42 19.13 -4.90
CA THR B 13 5.56 17.70 -4.71
C THR B 13 6.54 17.24 -5.76
N ASN B 14 7.52 16.45 -5.34
CA ASN B 14 8.48 15.93 -6.29
C ASN B 14 8.13 14.48 -6.56
N TYR B 15 7.58 14.23 -7.74
CA TYR B 15 7.22 12.87 -8.13
C TYR B 15 8.32 12.36 -9.08
N MET B 16 9.09 11.40 -8.57
CA MET B 16 10.17 10.75 -9.30
C MET B 16 11.14 11.66 -10.04
N ASP B 17 11.34 12.88 -9.54
CA ASP B 17 12.26 13.79 -10.21
C ASP B 17 11.82 14.21 -11.61
N THR B 18 10.62 13.82 -12.03
CA THR B 18 10.17 14.17 -13.37
C THR B 18 8.92 15.01 -13.35
N GLN B 19 8.36 15.22 -12.17
CA GLN B 19 7.15 16.01 -12.05
C GLN B 19 7.09 16.71 -10.72
N TYR B 20 7.07 18.03 -10.81
CA TYR B 20 6.99 18.90 -9.65
C TYR B 20 5.75 19.73 -9.82
N TYR B 21 4.86 19.64 -8.84
CA TYR B 21 3.61 20.37 -8.88
C TYR B 21 3.22 20.79 -7.49
N GLY B 22 2.38 21.80 -7.41
CA GLY B 22 1.89 22.28 -6.14
C GLY B 22 0.44 22.60 -6.36
N GLU B 23 -0.26 22.99 -5.32
CA GLU B 23 -1.65 23.32 -5.49
C GLU B 23 -1.82 24.74 -6.00
N ILE B 24 -3.07 25.05 -6.29
CA ILE B 24 -3.56 26.35 -6.73
C ILE B 24 -5.04 26.08 -6.57
N GLY B 25 -5.80 27.11 -6.24
CA GLY B 25 -7.22 26.94 -6.09
C GLY B 25 -7.91 27.72 -7.17
N ILE B 26 -9.01 27.18 -7.69
CA ILE B 26 -9.75 27.90 -8.71
C ILE B 26 -11.19 28.01 -8.25
N GLY B 27 -11.68 29.24 -8.18
CA GLY B 27 -13.05 29.51 -7.78
C GLY B 27 -13.37 29.67 -6.30
N THR B 28 -14.67 29.77 -6.03
CA THR B 28 -15.22 29.91 -4.69
C THR B 28 -16.42 28.96 -4.61
N PRO B 29 -16.34 27.93 -3.75
CA PRO B 29 -15.18 27.65 -2.89
C PRO B 29 -14.02 27.25 -3.80
N PRO B 30 -12.78 27.46 -3.34
CA PRO B 30 -11.67 27.07 -4.21
C PRO B 30 -11.60 25.57 -4.49
N GLN B 31 -11.42 25.23 -5.76
CA GLN B 31 -11.27 23.85 -6.16
C GLN B 31 -9.77 23.73 -6.32
N THR B 32 -9.17 22.80 -5.58
CA THR B 32 -7.73 22.63 -5.64
C THR B 32 -7.27 21.70 -6.72
N PHE B 33 -6.29 22.18 -7.48
CA PHE B 33 -5.71 21.39 -8.55
C PHE B 33 -4.23 21.30 -8.31
N LYS B 34 -3.66 20.15 -8.65
CA LYS B 34 -2.24 20.01 -8.54
C LYS B 34 -1.82 20.43 -9.94
N VAL B 35 -0.84 21.32 -10.03
CA VAL B 35 -0.40 21.80 -11.32
C VAL B 35 1.08 22.00 -11.38
N VAL B 36 1.63 21.92 -12.58
CA VAL B 36 3.04 22.17 -12.76
C VAL B 36 3.12 23.67 -13.07
N PHE B 37 4.12 24.34 -12.54
CA PHE B 37 4.23 25.74 -12.85
C PHE B 37 5.23 25.69 -13.95
N ASP B 38 4.75 26.04 -15.14
CA ASP B 38 5.51 25.92 -16.37
C ASP B 38 5.95 27.20 -17.04
N THR B 39 7.26 27.45 -17.01
CA THR B 39 7.81 28.64 -17.62
C THR B 39 7.98 28.41 -19.12
N GLY B 40 7.54 27.24 -19.58
CA GLY B 40 7.64 26.90 -20.99
C GLY B 40 6.32 27.15 -21.72
N SER B 41 5.33 27.61 -20.97
CA SER B 41 4.02 27.93 -21.52
C SER B 41 3.46 29.13 -20.77
N SER B 42 2.45 29.79 -21.35
CA SER B 42 1.89 30.98 -20.74
C SER B 42 0.43 30.90 -20.32
N ASN B 43 -0.16 29.72 -20.41
CA ASN B 43 -1.56 29.59 -20.05
C ASN B 43 -1.72 28.70 -18.84
N VAL B 44 -2.85 28.89 -18.17
CA VAL B 44 -3.22 28.10 -17.03
C VAL B 44 -4.16 27.08 -17.66
N TRP B 45 -3.97 25.80 -17.37
CA TRP B 45 -4.84 24.78 -17.94
C TRP B 45 -5.24 23.74 -16.90
N VAL B 46 -6.54 23.58 -16.72
CA VAL B 46 -7.08 22.59 -15.80
C VAL B 46 -8.14 21.79 -16.54
N PRO B 47 -8.28 20.51 -16.20
CA PRO B 47 -9.30 19.74 -16.89
C PRO B 47 -10.65 20.34 -16.57
N SER B 48 -11.59 20.27 -17.49
CA SER B 48 -12.91 20.83 -17.26
C SER B 48 -13.90 19.76 -16.83
N SER B 49 -14.91 20.16 -16.08
CA SER B 49 -15.94 19.22 -15.65
C SER B 49 -16.75 18.83 -16.89
N LYS B 50 -16.55 19.58 -17.96
CA LYS B 50 -17.23 19.36 -19.22
C LYS B 50 -16.34 18.57 -20.18
N CYS B 51 -15.38 17.84 -19.63
CA CYS B 51 -14.48 17.02 -20.44
C CYS B 51 -14.95 15.57 -20.44
N SER B 52 -15.53 15.14 -21.56
CA SER B 52 -16.04 13.78 -21.70
C SER B 52 -15.13 12.73 -21.09
N ARG B 53 -15.77 11.73 -20.47
CA ARG B 53 -15.05 10.64 -19.82
C ARG B 53 -14.32 9.81 -20.87
N LEU B 54 -14.58 10.09 -22.14
CA LEU B 54 -13.92 9.38 -23.24
C LEU B 54 -12.43 9.65 -23.19
N TYR B 55 -12.06 10.74 -22.54
CA TYR B 55 -10.66 11.12 -22.41
C TYR B 55 -10.13 10.62 -21.07
N THR B 56 -9.34 9.55 -21.13
CA THR B 56 -8.75 8.96 -19.92
C THR B 56 -7.99 10.01 -19.12
N ALA B 57 -7.47 11.02 -19.81
CA ALA B 57 -6.74 12.08 -19.15
C ALA B 57 -7.65 12.82 -18.18
N CYS B 58 -8.94 12.87 -18.49
CA CYS B 58 -9.90 13.55 -17.62
C CYS B 58 -10.55 12.63 -16.61
N VAL B 59 -10.36 11.33 -16.75
CA VAL B 59 -10.97 10.39 -15.83
C VAL B 59 -10.29 10.47 -14.47
N TYR B 60 -8.97 10.31 -14.47
CA TYR B 60 -8.18 10.29 -13.24
C TYR B 60 -7.83 11.64 -12.62
N HIS B 61 -7.95 12.72 -13.37
CA HIS B 61 -7.62 14.02 -12.82
C HIS B 61 -8.77 14.85 -12.30
N LYS B 62 -8.44 15.89 -11.55
CA LYS B 62 -9.40 16.81 -10.98
C LYS B 62 -9.96 17.60 -12.14
N LEU B 63 -11.27 17.84 -12.13
CA LEU B 63 -11.93 18.59 -13.19
C LEU B 63 -12.53 19.84 -12.63
N PHE B 64 -12.26 20.97 -13.27
CA PHE B 64 -12.82 22.21 -12.79
C PHE B 64 -14.29 22.27 -13.09
N ASP B 65 -15.09 22.34 -12.04
CA ASP B 65 -16.53 22.39 -12.23
C ASP B 65 -16.99 23.83 -12.06
N ALA B 66 -17.06 24.53 -13.18
CA ALA B 66 -17.45 25.93 -13.22
C ALA B 66 -18.76 26.25 -12.52
N SER B 67 -19.67 25.29 -12.44
CA SER B 67 -20.96 25.55 -11.81
C SER B 67 -20.91 25.57 -10.29
N ASP B 68 -19.78 25.14 -9.72
CA ASP B 68 -19.61 25.13 -8.27
C ASP B 68 -18.94 26.39 -7.77
N SER B 69 -18.50 27.22 -8.72
CA SER B 69 -17.82 28.46 -8.37
C SER B 69 -18.72 29.68 -8.54
N SER B 70 -19.05 30.31 -7.42
CA SER B 70 -19.88 31.50 -7.46
C SER B 70 -19.05 32.62 -8.06
N SER B 71 -17.74 32.42 -8.12
CA SER B 71 -16.80 33.41 -8.64
C SER B 71 -16.46 33.27 -10.13
N TYR B 72 -16.97 32.22 -10.75
CA TYR B 72 -16.73 31.98 -12.17
C TYR B 72 -17.53 32.93 -13.08
N LYS B 73 -16.84 33.51 -14.06
CA LYS B 73 -17.46 34.41 -15.01
C LYS B 73 -17.26 33.79 -16.40
N HIS B 74 -18.33 33.18 -16.91
CA HIS B 74 -18.27 32.50 -18.20
C HIS B 74 -17.59 33.26 -19.33
N ASN B 75 -17.01 32.46 -20.21
CA ASN B 75 -16.31 32.89 -21.40
C ASN B 75 -15.80 31.59 -21.99
N GLY B 76 -16.28 31.23 -23.17
CA GLY B 76 -15.86 29.97 -23.75
C GLY B 76 -15.09 30.04 -25.05
N THR B 77 -13.99 30.77 -25.07
CA THR B 77 -13.18 30.87 -26.29
C THR B 77 -12.46 29.56 -26.60
N GLU B 78 -12.53 29.14 -27.86
CA GLU B 78 -11.89 27.91 -28.30
C GLU B 78 -10.39 28.07 -28.09
N LEU B 79 -9.76 27.06 -27.49
CA LEU B 79 -8.32 27.08 -27.25
C LEU B 79 -7.78 25.72 -27.69
N THR B 80 -6.72 25.74 -28.49
CA THR B 80 -6.15 24.49 -29.01
C THR B 80 -4.62 24.43 -28.91
N LEU B 81 -4.09 23.20 -28.91
CA LEU B 81 -2.64 22.98 -28.87
C LEU B 81 -2.35 21.74 -29.70
N ARG B 82 -1.63 21.91 -30.79
CA ARG B 82 -1.29 20.76 -31.63
C ARG B 82 -0.06 20.11 -31.01
N TYR B 83 -0.16 19.90 -29.71
CA TYR B 83 0.90 19.30 -28.88
C TYR B 83 1.50 18.03 -29.45
N SER B 84 2.32 18.12 -30.49
CA SER B 84 2.92 16.92 -31.09
C SER B 84 1.87 15.82 -31.22
N THR B 85 1.74 15.00 -30.18
CA THR B 85 0.75 13.92 -30.15
C THR B 85 -0.56 14.56 -29.70
N GLY B 86 -0.53 15.89 -29.60
CA GLY B 86 -1.65 16.66 -29.12
C GLY B 86 -2.85 16.88 -30.01
N THR B 87 -4.00 16.98 -29.35
CA THR B 87 -5.29 17.21 -29.99
C THR B 87 -6.10 17.99 -28.95
N VAL B 88 -5.40 18.44 -27.92
CA VAL B 88 -6.00 19.17 -26.81
C VAL B 88 -6.81 20.39 -27.17
N SER B 89 -8.06 20.38 -26.72
CA SER B 89 -8.97 21.47 -26.95
C SER B 89 -9.59 21.82 -25.61
N GLY B 90 -10.07 23.05 -25.50
CA GLY B 90 -10.69 23.52 -24.28
C GLY B 90 -11.23 24.91 -24.54
N PHE B 91 -11.86 25.50 -23.54
CA PHE B 91 -12.42 26.84 -23.66
C PHE B 91 -11.94 27.73 -22.52
N LEU B 92 -11.86 29.03 -22.76
CA LEU B 92 -11.43 29.95 -21.72
C LEU B 92 -12.38 29.83 -20.55
N SER B 93 -12.11 30.64 -19.53
CA SER B 93 -12.90 30.71 -18.30
C SER B 93 -12.16 31.70 -17.42
N GLN B 94 -12.89 32.38 -16.54
CA GLN B 94 -12.26 33.32 -15.64
C GLN B 94 -12.76 33.04 -14.24
N ASP B 95 -11.91 33.27 -13.25
CA ASP B 95 -12.27 33.01 -11.87
C ASP B 95 -11.10 33.39 -10.96
N ILE B 96 -11.32 33.37 -9.65
CA ILE B 96 -10.26 33.71 -8.74
C ILE B 96 -9.38 32.50 -8.46
N ILE B 97 -8.12 32.62 -8.82
CA ILE B 97 -7.17 31.53 -8.61
C ILE B 97 -6.30 31.83 -7.38
N THR B 98 -6.25 30.88 -6.46
CA THR B 98 -5.45 31.02 -5.26
C THR B 98 -4.10 30.37 -5.51
N VAL B 99 -3.04 31.14 -5.38
CA VAL B 99 -1.69 30.62 -5.56
C VAL B 99 -0.94 30.89 -4.29
N GLY B 100 -0.77 29.85 -3.48
CA GLY B 100 -0.08 29.97 -2.21
C GLY B 100 -0.19 31.33 -1.56
N GLY B 101 -1.34 31.64 -0.97
CA GLY B 101 -1.49 32.94 -0.33
C GLY B 101 -2.18 33.98 -1.19
N ILE B 102 -1.54 34.38 -2.28
CA ILE B 102 -2.10 35.37 -3.19
C ILE B 102 -3.34 34.86 -3.93
N THR B 103 -4.31 35.74 -4.13
CA THR B 103 -5.54 35.41 -4.87
C THR B 103 -5.60 36.32 -6.08
N VAL B 104 -5.83 35.76 -7.26
CA VAL B 104 -5.87 36.58 -8.47
C VAL B 104 -6.93 36.15 -9.48
N THR B 105 -7.70 37.14 -9.95
CA THR B 105 -8.73 36.88 -10.94
C THR B 105 -7.96 36.54 -12.20
N GLN B 106 -7.99 35.26 -12.57
CA GLN B 106 -7.24 34.80 -13.71
C GLN B 106 -8.07 34.05 -14.74
N MET B 107 -7.73 34.24 -16.01
CA MET B 107 -8.41 33.54 -17.09
C MET B 107 -7.64 32.24 -17.33
N PHE B 108 -8.33 31.12 -17.35
CA PHE B 108 -7.66 29.84 -17.61
C PHE B 108 -8.40 29.06 -18.68
N GLY B 109 -7.80 27.96 -19.12
CA GLY B 109 -8.41 27.15 -20.13
C GLY B 109 -8.92 25.84 -19.58
N GLU B 110 -10.24 25.67 -19.54
CA GLU B 110 -10.81 24.42 -19.05
C GLU B 110 -10.69 23.44 -20.21
N VAL B 111 -9.85 22.42 -20.05
CA VAL B 111 -9.64 21.44 -21.10
C VAL B 111 -10.82 20.49 -21.27
N THR B 112 -11.16 20.22 -22.51
CA THR B 112 -12.27 19.33 -22.83
C THR B 112 -11.81 18.09 -23.56
N GLU B 113 -10.65 18.17 -24.20
CA GLU B 113 -10.09 17.04 -24.93
C GLU B 113 -8.57 17.05 -24.87
N MET B 114 -7.96 15.89 -24.69
CA MET B 114 -6.51 15.79 -24.63
C MET B 114 -6.04 14.34 -24.67
N PRO B 115 -4.94 14.09 -25.39
CA PRO B 115 -4.29 12.79 -25.58
C PRO B 115 -3.96 12.08 -24.27
N ALA B 116 -4.16 10.77 -24.26
CA ALA B 116 -3.85 10.01 -23.06
C ALA B 116 -2.36 10.21 -22.76
N LEU B 117 -1.58 10.37 -23.82
CA LEU B 117 -0.14 10.57 -23.73
C LEU B 117 0.22 12.04 -24.01
N PRO B 118 0.88 12.71 -23.05
CA PRO B 118 1.29 12.14 -21.77
C PRO B 118 0.42 12.65 -20.64
N PHE B 119 -0.69 13.28 -20.97
CA PHE B 119 -1.54 13.85 -19.95
C PHE B 119 -2.13 12.89 -18.92
N MET B 120 -2.33 11.64 -19.30
CA MET B 120 -2.86 10.67 -18.34
C MET B 120 -1.73 10.39 -17.35
N LEU B 121 -0.48 10.47 -17.85
CA LEU B 121 0.73 10.26 -17.06
C LEU B 121 0.91 11.27 -15.93
N ALA B 122 0.38 12.47 -16.12
CA ALA B 122 0.50 13.52 -15.14
C ALA B 122 -0.02 13.10 -13.78
N GLU B 123 0.81 13.32 -12.76
CA GLU B 123 0.44 13.01 -11.40
C GLU B 123 -0.28 14.24 -10.91
N PHE B 124 -0.22 15.28 -11.73
CA PHE B 124 -0.87 16.55 -11.42
C PHE B 124 -2.00 16.72 -12.41
N ASP B 125 -2.81 17.74 -12.19
CA ASP B 125 -3.98 18.01 -13.02
C ASP B 125 -3.82 19.07 -14.11
N GLY B 126 -2.97 20.06 -13.91
CA GLY B 126 -2.86 21.09 -14.92
C GLY B 126 -1.53 21.82 -14.98
N VAL B 127 -1.54 22.93 -15.68
CA VAL B 127 -0.34 23.73 -15.83
C VAL B 127 -0.62 25.17 -15.54
N VAL B 128 0.37 25.83 -14.98
CA VAL B 128 0.26 27.24 -14.69
C VAL B 128 1.40 27.83 -15.47
N GLY B 129 1.08 28.30 -16.67
CA GLY B 129 2.07 28.89 -17.55
C GLY B 129 2.73 30.06 -16.86
N MET B 130 4.04 30.01 -16.71
CA MET B 130 4.77 31.10 -16.09
C MET B 130 5.46 31.90 -17.19
N GLY B 131 5.12 31.56 -18.43
CA GLY B 131 5.71 32.23 -19.58
C GLY B 131 5.10 33.59 -19.87
N PHE B 132 5.70 34.31 -20.81
CA PHE B 132 5.23 35.63 -21.19
C PHE B 132 3.92 35.58 -21.95
N ILE B 133 3.20 36.70 -22.00
CA ILE B 133 1.94 36.75 -22.70
C ILE B 133 2.13 36.57 -24.20
N GLU B 134 3.36 36.82 -24.67
CA GLU B 134 3.69 36.68 -26.10
C GLU B 134 3.43 35.24 -26.58
N GLN B 135 3.50 34.27 -25.67
CA GLN B 135 3.28 32.86 -25.99
C GLN B 135 1.94 32.40 -25.43
N ALA B 136 1.12 33.34 -24.99
CA ALA B 136 -0.18 33.00 -24.43
C ALA B 136 -1.17 32.55 -25.51
N ILE B 137 -1.65 31.32 -25.38
CA ILE B 137 -2.63 30.80 -26.31
C ILE B 137 -3.86 31.65 -26.14
N GLY B 138 -4.27 32.32 -27.22
CA GLY B 138 -5.45 33.16 -27.16
C GLY B 138 -5.19 34.51 -26.53
N ARG B 139 -3.95 35.00 -26.63
CA ARG B 139 -3.58 36.31 -26.08
C ARG B 139 -3.96 36.50 -24.61
N VAL B 140 -4.23 35.42 -23.90
CA VAL B 140 -4.64 35.50 -22.49
C VAL B 140 -3.54 35.97 -21.55
N THR B 141 -3.87 36.92 -20.68
CA THR B 141 -2.91 37.44 -19.70
C THR B 141 -2.44 36.32 -18.79
N PRO B 142 -1.13 36.04 -18.78
CA PRO B 142 -0.63 34.97 -17.92
C PRO B 142 -0.84 35.34 -16.46
N ILE B 143 -1.11 34.34 -15.63
CA ILE B 143 -1.37 34.59 -14.22
C ILE B 143 -0.30 35.42 -13.52
N PHE B 144 0.95 35.27 -13.93
CA PHE B 144 1.97 36.04 -13.25
C PHE B 144 1.78 37.51 -13.52
N ASP B 145 1.56 37.87 -14.79
CA ASP B 145 1.34 39.27 -15.14
C ASP B 145 0.19 39.84 -14.31
N ASN B 146 -0.87 39.06 -14.15
CA ASN B 146 -2.01 39.50 -13.36
C ASN B 146 -1.68 39.69 -11.90
N ILE B 147 -0.71 38.92 -11.42
CA ILE B 147 -0.28 39.06 -10.03
C ILE B 147 0.60 40.29 -9.95
N ILE B 148 1.49 40.46 -10.92
CA ILE B 148 2.35 41.64 -10.96
C ILE B 148 1.46 42.88 -10.88
N SER B 149 0.41 42.88 -11.70
CA SER B 149 -0.53 43.98 -11.77
C SER B 149 -1.17 44.36 -10.43
N GLN B 150 -1.30 43.42 -9.50
CA GLN B 150 -1.88 43.81 -8.22
C GLN B 150 -0.81 44.32 -7.27
N GLY B 151 0.36 44.62 -7.83
CA GLY B 151 1.49 45.14 -7.07
C GLY B 151 1.58 44.78 -5.60
N VAL B 152 1.93 43.52 -5.32
CA VAL B 152 2.06 43.07 -3.95
C VAL B 152 3.39 42.36 -3.72
N LEU B 153 3.96 41.84 -4.80
CA LEU B 153 5.23 41.13 -4.73
C LEU B 153 6.39 42.10 -4.54
N LYS B 154 7.39 41.72 -3.74
CA LYS B 154 8.54 42.59 -3.52
C LYS B 154 9.22 42.90 -4.82
N GLU B 155 9.30 41.91 -5.70
CA GLU B 155 9.94 42.11 -6.99
C GLU B 155 9.22 41.34 -8.08
N ASP B 156 9.48 41.71 -9.33
CA ASP B 156 8.86 41.04 -10.47
C ASP B 156 9.64 39.77 -10.79
N VAL B 157 9.54 38.79 -9.91
CA VAL B 157 10.24 37.54 -10.10
C VAL B 157 9.55 36.41 -9.37
N PHE B 158 9.87 35.21 -9.80
CA PHE B 158 9.37 34.01 -9.17
C PHE B 158 10.55 33.06 -9.25
N SER B 159 10.66 32.17 -8.29
CA SER B 159 11.79 31.28 -8.21
C SER B 159 11.41 29.81 -8.07
N PHE B 160 12.27 28.95 -8.60
CA PHE B 160 12.00 27.53 -8.51
C PHE B 160 13.09 26.79 -7.76
N TYR B 161 12.62 25.93 -6.87
CA TYR B 161 13.47 25.05 -6.11
C TYR B 161 12.87 23.66 -6.37
N TYR B 162 13.70 22.78 -6.91
CA TYR B 162 13.31 21.40 -7.17
C TYR B 162 14.29 20.53 -6.43
N ASN B 163 13.81 19.91 -5.36
CA ASN B 163 14.65 19.06 -4.53
C ASN B 163 14.93 17.72 -5.23
N ARG B 164 15.85 16.96 -4.66
CA ARG B 164 16.20 15.65 -5.20
C ARG B 164 15.26 14.66 -4.53
N ASP B 165 14.59 13.83 -5.33
CA ASP B 165 13.64 12.84 -4.82
C ASP B 165 14.25 11.99 -3.71
N SER B 166 13.47 11.74 -2.66
CA SER B 166 13.96 10.92 -1.55
C SER B 166 12.90 9.95 -1.00
N GLU B 167 13.26 9.13 -0.15
N LEU B 172 10.51 17.29 1.05
CA LEU B 172 10.10 18.56 0.36
C LEU B 172 10.36 18.46 -1.13
N GLY B 173 9.30 18.31 -1.91
CA GLY B 173 9.46 18.15 -3.34
C GLY B 173 10.14 19.34 -3.98
N GLY B 174 9.67 20.51 -3.60
CA GLY B 174 10.23 21.72 -4.18
C GLY B 174 9.40 22.89 -3.70
N GLN B 175 9.74 24.06 -4.22
CA GLN B 175 9.04 25.26 -3.81
C GLN B 175 9.16 26.34 -4.86
N ILE B 176 8.06 27.02 -5.11
CA ILE B 176 8.08 28.12 -6.07
C ILE B 176 7.80 29.35 -5.27
N VAL B 177 8.57 30.39 -5.54
CA VAL B 177 8.35 31.62 -4.81
C VAL B 177 8.06 32.73 -5.78
N LEU B 178 6.95 33.43 -5.55
CA LEU B 178 6.57 34.55 -6.39
C LEU B 178 6.92 35.79 -5.57
N GLY B 179 7.59 36.75 -6.20
CA GLY B 179 7.98 37.97 -5.51
C GLY B 179 9.40 37.92 -5.01
N GLY B 180 10.02 36.75 -5.12
CA GLY B 180 11.39 36.60 -4.68
C GLY B 180 11.89 35.17 -4.73
N SER B 181 13.05 34.94 -4.13
CA SER B 181 13.66 33.64 -4.07
C SER B 181 13.87 33.27 -2.59
N ASP B 182 14.06 31.99 -2.32
CA ASP B 182 14.24 31.53 -0.95
C ASP B 182 15.66 31.08 -0.64
N PRO B 183 16.41 31.92 0.10
CA PRO B 183 17.80 31.75 0.54
C PRO B 183 18.07 30.41 1.20
N GLN B 184 17.03 29.84 1.80
CA GLN B 184 17.16 28.55 2.46
C GLN B 184 17.29 27.43 1.45
N HIS B 185 17.04 27.73 0.17
CA HIS B 185 17.11 26.71 -0.85
C HIS B 185 18.14 26.92 -1.94
N TYR B 186 18.99 27.91 -1.73
CA TYR B 186 20.07 28.08 -2.66
C TYR B 186 21.26 28.52 -1.84
N GLU B 187 22.40 28.55 -2.49
CA GLU B 187 23.62 28.87 -1.81
C GLU B 187 24.41 29.84 -2.65
N GLY B 188 25.15 30.72 -1.99
CA GLY B 188 25.94 31.66 -2.74
C GLY B 188 25.12 32.76 -3.36
N ASN B 189 25.52 33.19 -4.53
CA ASN B 189 24.81 34.27 -5.17
C ASN B 189 24.33 34.01 -6.57
N PHE B 190 23.20 34.64 -6.86
CA PHE B 190 22.61 34.53 -8.16
C PHE B 190 23.51 35.16 -9.19
N HIS B 191 23.58 34.52 -10.34
CA HIS B 191 24.33 35.02 -11.48
C HIS B 191 23.26 34.92 -12.56
N TYR B 192 23.02 36.02 -13.26
CA TYR B 192 21.96 36.05 -14.25
C TYR B 192 22.37 35.98 -15.70
N ILE B 193 21.43 35.55 -16.52
CA ILE B 193 21.61 35.50 -17.96
C ILE B 193 20.39 36.19 -18.52
N ASN B 194 20.62 37.23 -19.31
CA ASN B 194 19.55 37.99 -19.92
C ASN B 194 18.90 37.12 -20.99
N LEU B 195 17.57 37.20 -21.08
CA LEU B 195 16.85 36.44 -22.08
C LEU B 195 17.31 36.92 -23.46
N ILE B 196 17.23 36.03 -24.44
CA ILE B 196 17.60 36.37 -25.82
C ILE B 196 16.70 37.52 -26.30
N LYS B 197 15.42 37.38 -26.01
CA LYS B 197 14.40 38.35 -26.38
C LYS B 197 13.30 38.17 -25.35
N THR B 198 12.36 39.10 -25.34
CA THR B 198 11.25 39.04 -24.41
C THR B 198 10.22 38.08 -24.97
N GLY B 199 9.39 37.54 -24.10
CA GLY B 199 8.35 36.61 -24.55
C GLY B 199 8.64 35.15 -24.22
N VAL B 200 9.92 34.80 -24.08
CA VAL B 200 10.30 33.43 -23.78
C VAL B 200 11.47 33.34 -22.79
N TRP B 201 11.35 32.44 -21.81
CA TRP B 201 12.39 32.24 -20.82
C TRP B 201 13.50 31.43 -21.47
N GLN B 202 14.07 32.02 -22.50
CA GLN B 202 15.11 31.37 -23.24
C GLN B 202 16.33 32.25 -23.21
N ILE B 203 17.50 31.64 -23.09
CA ILE B 203 18.73 32.40 -23.05
C ILE B 203 19.76 31.81 -24.00
N GLN B 204 20.84 32.54 -24.23
CA GLN B 204 21.88 32.07 -25.12
C GLN B 204 22.80 31.13 -24.35
N MET B 205 23.20 30.03 -24.97
CA MET B 205 24.11 29.08 -24.36
C MET B 205 25.42 29.24 -25.09
N LYS B 206 26.44 29.73 -24.39
CA LYS B 206 27.73 29.94 -25.01
C LYS B 206 28.43 28.59 -25.23
N GLY B 207 27.79 27.52 -24.78
CA GLY B 207 28.37 26.20 -24.96
C GLY B 207 28.07 25.16 -23.88
N VAL B 208 28.18 23.89 -24.27
CA VAL B 208 27.95 22.77 -23.35
C VAL B 208 29.23 21.94 -23.33
N SER B 209 29.62 21.48 -22.16
CA SER B 209 30.86 20.72 -22.06
C SER B 209 30.79 19.38 -21.35
N VAL B 210 31.77 18.54 -21.66
CA VAL B 210 31.90 17.22 -21.07
C VAL B 210 33.33 17.16 -20.53
N GLY B 211 33.47 17.34 -19.22
CA GLY B 211 34.79 17.34 -18.63
C GLY B 211 35.28 18.76 -18.84
N SER B 212 36.47 18.90 -19.41
CA SER B 212 37.03 20.23 -19.69
C SER B 212 36.79 20.54 -21.17
N SER B 213 36.44 19.52 -21.93
CA SER B 213 36.18 19.67 -23.37
C SER B 213 34.96 20.56 -23.53
N THR B 214 34.52 20.74 -24.76
CA THR B 214 33.36 21.57 -25.08
C THR B 214 32.93 21.16 -26.48
N LEU B 215 32.52 19.91 -26.64
CA LEU B 215 32.13 19.44 -27.96
C LEU B 215 30.71 19.74 -28.42
N LEU B 216 29.98 20.54 -27.66
CA LEU B 216 28.62 20.88 -28.05
C LEU B 216 28.23 22.33 -27.86
N CYS B 217 27.24 22.76 -28.64
CA CYS B 217 26.73 24.11 -28.59
C CYS B 217 27.82 25.16 -28.78
N GLU B 218 28.93 24.76 -29.38
CA GLU B 218 30.03 25.68 -29.66
C GLU B 218 29.41 26.67 -30.64
N ASP B 219 30.02 27.83 -30.80
CA ASP B 219 29.47 28.81 -31.73
C ASP B 219 28.07 29.25 -31.32
N GLY B 220 27.66 28.87 -30.12
CA GLY B 220 26.35 29.27 -29.62
C GLY B 220 25.13 28.45 -29.95
N CYS B 221 24.18 28.47 -29.03
CA CYS B 221 22.91 27.76 -29.18
C CYS B 221 21.94 28.30 -28.13
N LEU B 222 20.67 27.95 -28.27
CA LEU B 222 19.67 28.42 -27.35
C LEU B 222 19.44 27.46 -26.21
N ALA B 223 18.87 27.99 -25.13
CA ALA B 223 18.55 27.20 -23.96
C ALA B 223 17.29 27.78 -23.37
N LEU B 224 16.23 26.99 -23.43
CA LEU B 224 14.93 27.37 -22.90
C LEU B 224 14.94 26.86 -21.47
N VAL B 225 14.74 27.75 -20.49
CA VAL B 225 14.72 27.32 -19.09
C VAL B 225 13.27 26.95 -18.80
N ASP B 226 12.99 25.67 -18.91
CA ASP B 226 11.65 25.13 -18.76
C ASP B 226 11.40 24.37 -17.47
N THR B 227 10.71 25.01 -16.53
CA THR B 227 10.40 24.37 -15.26
C THR B 227 9.49 23.16 -15.43
N GLY B 228 8.65 23.20 -16.47
CA GLY B 228 7.74 22.09 -16.72
C GLY B 228 8.40 20.89 -17.38
N ALA B 229 9.59 21.08 -17.94
CA ALA B 229 10.31 20.00 -18.60
C ALA B 229 11.01 19.13 -17.54
N SER B 230 10.90 17.82 -17.71
CA SER B 230 11.49 16.88 -16.75
C SER B 230 13.02 16.85 -16.75
N TYR B 231 13.61 16.93 -17.93
CA TYR B 231 15.04 16.82 -18.02
C TYR B 231 15.75 17.96 -18.69
N ILE B 232 17.03 17.73 -18.93
CA ILE B 232 17.82 18.68 -19.65
C ILE B 232 17.74 18.11 -21.06
N SER B 233 16.93 18.75 -21.89
CA SER B 233 16.76 18.28 -23.26
C SER B 233 17.68 19.01 -24.23
N GLY B 234 18.07 18.30 -25.28
CA GLY B 234 18.89 18.89 -26.31
C GLY B 234 18.29 18.36 -27.58
N SER B 235 18.80 18.81 -28.73
CA SER B 235 18.28 18.30 -29.99
C SER B 235 18.75 16.86 -30.05
N THR B 236 18.08 16.04 -30.85
CA THR B 236 18.44 14.65 -30.99
C THR B 236 19.91 14.51 -31.37
N SER B 237 20.39 15.38 -32.25
CA SER B 237 21.79 15.33 -32.66
C SER B 237 22.66 15.65 -31.47
N SER B 238 22.35 16.74 -30.80
CA SER B 238 23.11 17.15 -29.63
C SER B 238 23.18 16.01 -28.64
N ILE B 239 22.01 15.58 -28.18
CA ILE B 239 21.93 14.49 -27.21
C ILE B 239 22.68 13.25 -27.65
N GLU B 240 22.58 12.91 -28.92
CA GLU B 240 23.24 11.73 -29.44
C GLU B 240 24.76 11.89 -29.38
N LYS B 241 25.25 13.09 -29.67
CA LYS B 241 26.69 13.33 -29.62
C LYS B 241 27.12 13.39 -28.17
N LEU B 242 26.32 14.07 -27.36
CA LEU B 242 26.60 14.17 -25.94
C LEU B 242 26.66 12.75 -25.36
N MET B 243 25.56 12.01 -25.48
CA MET B 243 25.50 10.65 -24.96
C MET B 243 26.72 9.84 -25.38
N GLU B 244 27.07 9.98 -26.66
CA GLU B 244 28.20 9.28 -27.21
C GLU B 244 29.43 9.64 -26.42
N ALA B 245 29.57 10.93 -26.10
CA ALA B 245 30.72 11.40 -25.34
C ALA B 245 30.67 10.88 -23.90
N LEU B 246 29.48 10.81 -23.31
CA LEU B 246 29.34 10.30 -21.96
C LEU B 246 29.67 8.80 -21.93
N GLY B 247 29.29 8.11 -22.99
CA GLY B 247 29.53 6.68 -23.06
C GLY B 247 28.21 5.96 -22.88
N ALA B 248 27.14 6.75 -22.71
CA ALA B 248 25.80 6.21 -22.55
C ALA B 248 25.33 5.58 -23.86
N LYS B 249 24.40 4.65 -23.77
CA LYS B 249 23.90 3.96 -24.95
C LYS B 249 22.38 3.96 -24.89
N LYS B 250 21.74 3.97 -26.05
CA LYS B 250 20.29 3.97 -26.10
C LYS B 250 19.72 2.57 -26.31
N ARG B 251 19.09 2.02 -25.28
CA ARG B 251 18.53 0.68 -25.44
C ARG B 251 17.40 0.68 -26.48
N LEU B 252 16.25 1.20 -26.08
CA LEU B 252 15.10 1.30 -26.97
C LEU B 252 14.64 2.74 -26.94
N PHE B 253 14.37 3.24 -25.75
CA PHE B 253 13.99 4.63 -25.54
C PHE B 253 15.13 5.03 -24.62
N ASP B 254 15.12 6.28 -24.16
CA ASP B 254 16.12 6.81 -23.24
C ASP B 254 17.53 6.19 -23.23
N TYR B 255 18.54 7.02 -23.08
CA TYR B 255 19.90 6.52 -23.03
C TYR B 255 20.19 6.01 -21.63
N VAL B 256 21.02 4.96 -21.56
CA VAL B 256 21.38 4.37 -20.27
C VAL B 256 22.88 4.19 -20.14
N VAL B 257 23.31 3.99 -18.91
CA VAL B 257 24.72 3.76 -18.62
C VAL B 257 24.69 2.59 -17.65
N LYS B 258 25.82 1.95 -17.42
CA LYS B 258 25.83 0.87 -16.44
C LYS B 258 25.71 1.58 -15.10
N CYS B 259 24.75 1.18 -14.29
CA CYS B 259 24.57 1.84 -13.01
C CYS B 259 25.85 2.06 -12.23
N ASN B 260 26.73 1.07 -12.21
CA ASN B 260 27.98 1.20 -11.46
C ASN B 260 28.89 2.22 -12.12
N GLU B 261 28.77 2.33 -13.43
CA GLU B 261 29.57 3.25 -14.22
C GLU B 261 29.11 4.70 -14.07
N GLY B 262 27.87 4.88 -13.63
CA GLY B 262 27.30 6.21 -13.46
C GLY B 262 28.20 7.27 -12.85
N PRO B 263 28.73 7.04 -11.64
CA PRO B 263 29.60 8.02 -10.98
C PRO B 263 30.88 8.37 -11.74
N THR B 264 31.30 7.52 -12.67
CA THR B 264 32.55 7.79 -13.40
C THR B 264 32.35 8.74 -14.57
N LEU B 265 31.10 8.90 -15.00
CA LEU B 265 30.82 9.79 -16.12
C LEU B 265 31.22 11.21 -15.79
N PRO B 266 31.85 11.88 -16.75
CA PRO B 266 32.34 13.26 -16.67
C PRO B 266 31.26 14.27 -16.32
N ASP B 267 31.67 15.42 -15.82
CA ASP B 267 30.73 16.48 -15.46
C ASP B 267 30.24 17.08 -16.76
N ILE B 268 29.07 17.68 -16.73
CA ILE B 268 28.51 18.31 -17.92
C ILE B 268 28.28 19.76 -17.57
N SER B 269 28.95 20.65 -18.29
CA SER B 269 28.85 22.07 -18.04
C SER B 269 28.06 22.83 -19.08
N PHE B 270 27.13 23.65 -18.61
CA PHE B 270 26.34 24.48 -19.51
C PHE B 270 26.88 25.90 -19.32
N HIS B 271 27.43 26.45 -20.40
CA HIS B 271 28.00 27.80 -20.39
C HIS B 271 26.91 28.85 -20.55
N LEU B 272 26.45 29.38 -19.44
CA LEU B 272 25.41 30.39 -19.46
C LEU B 272 25.93 31.69 -18.86
N GLY B 273 25.77 32.77 -19.61
CA GLY B 273 26.22 34.07 -19.14
C GLY B 273 27.65 34.12 -18.64
N GLY B 274 28.60 33.78 -19.50
CA GLY B 274 30.01 33.83 -19.13
C GLY B 274 30.45 32.87 -18.04
N LYS B 275 29.49 32.29 -17.30
CA LYS B 275 29.83 31.35 -16.23
C LYS B 275 29.36 29.93 -16.54
N GLU B 276 30.06 28.95 -15.98
CA GLU B 276 29.77 27.54 -16.21
C GLU B 276 28.89 26.88 -15.17
N TYR B 277 27.81 26.26 -15.64
CA TYR B 277 26.88 25.55 -14.77
C TYR B 277 27.14 24.06 -14.93
N THR B 278 27.79 23.52 -13.90
CA THR B 278 28.20 22.13 -13.88
C THR B 278 27.27 21.16 -13.19
N LEU B 279 27.04 20.04 -13.87
CA LEU B 279 26.22 18.95 -13.35
C LEU B 279 27.19 17.79 -13.28
N THR B 280 27.21 17.11 -12.15
CA THR B 280 28.08 15.95 -12.04
C THR B 280 27.25 14.77 -12.48
N SER B 281 27.89 13.61 -12.66
CA SER B 281 27.21 12.40 -13.06
C SER B 281 26.09 12.12 -12.06
N ALA B 282 26.33 12.45 -10.79
CA ALA B 282 25.33 12.20 -9.76
C ALA B 282 24.15 13.13 -9.95
N ASP B 283 24.37 14.18 -10.73
CA ASP B 283 23.34 15.17 -11.00
C ASP B 283 22.46 14.83 -12.18
N TYR B 284 22.96 14.01 -13.08
CA TYR B 284 22.15 13.70 -14.25
C TYR B 284 21.94 12.23 -14.50
N VAL B 285 22.48 11.41 -13.59
CA VAL B 285 22.30 9.98 -13.72
C VAL B 285 21.26 9.54 -12.70
N PHE B 286 20.20 8.90 -13.16
CA PHE B 286 19.21 8.38 -12.21
C PHE B 286 19.87 7.13 -11.66
N GLN B 287 20.52 7.27 -10.51
CA GLN B 287 21.19 6.14 -9.89
C GLN B 287 20.24 5.32 -9.04
N GLU B 288 19.37 4.55 -9.71
CA GLU B 288 18.41 3.70 -9.02
C GLU B 288 19.20 2.68 -8.20
N SER B 289 20.43 2.42 -8.65
CA SER B 289 21.34 1.51 -7.99
C SER B 289 22.72 1.74 -8.59
N TYR B 290 23.73 1.11 -7.99
CA TYR B 290 25.08 1.24 -8.48
C TYR B 290 25.54 -0.13 -8.96
N SER B 291 24.56 -0.99 -9.20
CA SER B 291 24.82 -2.34 -9.66
C SER B 291 25.38 -2.42 -11.07
N SER B 292 26.42 -3.22 -11.21
CA SER B 292 27.05 -3.45 -12.50
C SER B 292 26.19 -4.40 -13.33
N LYS B 293 25.06 -4.83 -12.77
CA LYS B 293 24.17 -5.77 -13.47
C LYS B 293 22.98 -5.06 -14.09
N LYS B 294 22.73 -3.83 -13.68
CA LYS B 294 21.59 -3.08 -14.20
C LYS B 294 21.96 -1.90 -15.08
N LEU B 295 20.93 -1.28 -15.65
CA LEU B 295 21.12 -0.13 -16.52
C LEU B 295 20.49 1.09 -15.87
N CYS B 296 21.26 2.17 -15.82
CA CYS B 296 20.77 3.40 -15.25
C CYS B 296 20.47 4.45 -16.30
N THR B 297 19.27 5.01 -16.22
CA THR B 297 18.83 6.05 -17.14
C THR B 297 19.45 7.39 -16.74
N LEU B 298 19.54 8.31 -17.70
CA LEU B 298 20.07 9.65 -17.49
C LEU B 298 18.94 10.67 -17.49
N ALA B 299 19.12 11.78 -16.78
CA ALA B 299 18.09 12.82 -16.72
C ALA B 299 18.28 13.84 -17.85
N ILE B 300 18.84 13.36 -18.96
CA ILE B 300 19.07 14.17 -20.13
C ILE B 300 18.43 13.43 -21.30
N HIS B 301 17.33 13.97 -21.81
CA HIS B 301 16.60 13.38 -22.91
C HIS B 301 16.70 14.24 -24.15
N ALA B 302 16.48 13.61 -25.30
CA ALA B 302 16.53 14.33 -26.55
C ALA B 302 15.14 14.87 -26.79
N MET B 303 15.07 16.12 -27.23
CA MET B 303 13.77 16.73 -27.53
C MET B 303 13.97 17.79 -28.61
N ASP B 304 13.44 17.52 -29.79
CA ASP B 304 13.54 18.44 -30.91
C ASP B 304 12.38 19.41 -30.82
N ILE B 305 12.63 20.54 -30.15
CA ILE B 305 11.61 21.57 -29.99
C ILE B 305 11.55 22.34 -31.30
N PRO B 306 10.40 22.29 -31.98
CA PRO B 306 10.17 22.97 -33.27
C PRO B 306 10.01 24.47 -33.10
N PRO B 307 10.49 25.25 -34.07
CA PRO B 307 10.43 26.71 -34.05
C PRO B 307 9.06 27.25 -33.57
N PRO B 308 9.01 28.53 -33.18
CA PRO B 308 10.15 29.45 -33.15
C PRO B 308 10.98 29.25 -31.89
N THR B 309 10.34 28.69 -30.87
CA THR B 309 11.02 28.44 -29.60
C THR B 309 12.26 27.61 -29.89
N GLY B 310 12.13 26.63 -30.77
CA GLY B 310 13.26 25.77 -31.10
C GLY B 310 13.80 25.95 -32.50
N PRO B 311 14.84 25.18 -32.88
CA PRO B 311 15.43 24.19 -31.97
C PRO B 311 16.14 24.85 -30.80
N THR B 312 16.12 24.19 -29.65
CA THR B 312 16.73 24.73 -28.45
C THR B 312 17.03 23.61 -27.49
N TRP B 313 17.91 23.88 -26.54
CA TRP B 313 18.17 22.91 -25.52
C TRP B 313 17.11 23.35 -24.54
N ALA B 314 16.76 22.50 -23.59
CA ALA B 314 15.79 22.90 -22.59
C ALA B 314 16.34 22.51 -21.23
N LEU B 315 16.54 23.50 -20.38
CA LEU B 315 17.05 23.26 -19.05
C LEU B 315 15.83 23.03 -18.18
N GLY B 316 15.59 21.76 -17.84
CA GLY B 316 14.44 21.40 -17.03
C GLY B 316 14.77 21.03 -15.59
N ALA B 317 13.96 20.13 -15.02
CA ALA B 317 14.14 19.69 -13.64
C ALA B 317 15.56 19.24 -13.35
N THR B 318 16.12 18.43 -14.23
CA THR B 318 17.48 17.97 -14.01
C THR B 318 18.37 19.18 -13.73
N PHE B 319 18.23 20.21 -14.56
CA PHE B 319 19.04 21.41 -14.39
C PHE B 319 18.67 22.22 -13.16
N ILE B 320 17.38 22.47 -12.98
CA ILE B 320 16.90 23.25 -11.85
C ILE B 320 17.23 22.60 -10.50
N ARG B 321 17.27 21.27 -10.49
CA ARG B 321 17.60 20.51 -9.29
C ARG B 321 18.97 20.95 -8.79
N LYS B 322 19.90 21.12 -9.73
CA LYS B 322 21.26 21.55 -9.42
C LYS B 322 21.30 23.04 -9.08
N PHE B 323 20.67 23.85 -9.93
CA PHE B 323 20.68 25.29 -9.74
C PHE B 323 19.32 25.92 -9.50
N TYR B 324 19.13 26.41 -8.28
CA TYR B 324 17.90 27.09 -7.87
C TYR B 324 17.69 28.20 -8.90
N THR B 325 16.47 28.33 -9.39
CA THR B 325 16.22 29.29 -10.44
C THR B 325 15.28 30.44 -10.18
N GLU B 326 15.73 31.64 -10.53
CA GLU B 326 14.90 32.81 -10.37
C GLU B 326 14.57 33.39 -11.74
N PHE B 327 13.29 33.54 -12.00
CA PHE B 327 12.91 34.10 -13.26
C PHE B 327 12.60 35.55 -12.94
N ASP B 328 13.36 36.43 -13.57
CA ASP B 328 13.19 37.84 -13.33
C ASP B 328 12.52 38.54 -14.50
N ARG B 329 11.24 38.86 -14.33
CA ARG B 329 10.46 39.55 -15.36
C ARG B 329 10.93 41.00 -15.43
N ARG B 330 11.15 41.61 -14.27
CA ARG B 330 11.60 43.00 -14.19
C ARG B 330 12.81 43.22 -15.08
N ASN B 331 13.77 42.31 -15.02
CA ASN B 331 14.97 42.46 -15.82
C ASN B 331 15.01 41.50 -17.00
N ASN B 332 13.92 40.78 -17.22
CA ASN B 332 13.89 39.86 -18.33
C ASN B 332 15.16 39.03 -18.33
N ARG B 333 15.45 38.39 -17.20
CA ARG B 333 16.63 37.56 -17.14
C ARG B 333 16.37 36.38 -16.23
N ILE B 334 17.31 35.44 -16.23
CA ILE B 334 17.15 34.27 -15.41
C ILE B 334 18.38 34.17 -14.54
N GLY B 335 18.16 33.94 -13.26
CA GLY B 335 19.25 33.82 -12.34
C GLY B 335 19.37 32.40 -11.79
N PHE B 336 20.60 31.94 -11.63
CA PHE B 336 20.84 30.62 -11.08
C PHE B 336 21.74 30.73 -9.89
N ALA B 337 21.43 29.95 -8.87
CA ALA B 337 22.24 29.92 -7.69
C ALA B 337 22.28 28.46 -7.31
N LEU B 338 23.46 27.97 -6.95
CA LEU B 338 23.63 26.58 -6.56
C LEU B 338 22.51 26.29 -5.57
N ALA B 339 21.64 25.34 -5.90
CA ALA B 339 20.51 25.00 -5.03
C ALA B 339 20.94 24.19 -3.81
N ARG B 340 20.01 23.97 -2.89
CA ARG B 340 20.29 23.23 -1.67
C ARG B 340 19.02 23.01 -0.87
C1 RPF C . -9.17 -14.78 21.77
O1 RPF C . -8.17 -14.47 22.71
C2 RPF C . -8.36 -13.21 23.25
C3 RPF C . -9.01 -13.04 24.51
C4 RPF C . -9.52 -14.24 25.28
O2 RPF C . -9.19 -14.20 26.64
C5 RPF C . -7.88 -12.08 22.54
C6 RPF C . -8.06 -10.77 23.08
C7 RPF C . -8.69 -10.60 24.32
C8 RPF C . -9.17 -11.73 25.03
C9 RPF C . -6.44 -18.61 19.43
C10 RPF C . -5.83 -18.09 18.29
C11 RPF C . -5.16 -16.87 18.30
C12 RPF C . -5.08 -16.11 19.51
C13 RPF C . -5.69 -16.61 20.68
C14 RPF C . -6.37 -17.86 20.65
C20 RPF C . -6.58 -21.49 20.91
C21 RPF C . -6.37 -22.66 19.92
N2 RPF C . -6.47 -23.99 20.49
C22 RPF C . -6.71 -24.32 21.89
C23 RPF C . -6.92 -23.12 22.84
N3 RPF C . -6.85 -21.84 22.34
O5 RPF C . -7.14 -23.39 24.02
C24 RPF C . -7.68 -20.56 20.29
O6 RPF C . -7.05 -19.86 19.22
C25 RPF C . -5.95 -19.98 23.64
C26 RPF C . -7.06 -20.79 23.23
C27 RPF C . -8.37 -20.48 23.73
C28 RPF C . -8.57 -19.42 24.63
C29 RPF C . -7.47 -18.61 25.04
C30 RPF C . -6.17 -18.90 24.55
O7 RPF C . -7.60 -17.54 25.92
C31 RPF C . -8.69 -17.51 26.83
C32 RPF C . -8.52 -16.29 27.75
C33 RPF C . -8.08 -14.98 27.05
C34 RPF C . -4.31 -14.14 18.11
C35 RPF C . -3.83 -15.14 17.04
N1 RPF C . -4.57 -16.42 17.14
C36 RPF C . -4.35 -14.79 19.52
C1 RPF D . -0.73 19.32 -17.33
O1 RPF D . -1.40 18.81 -18.45
C2 RPF D . -2.56 18.14 -18.05
C3 RPF D . -3.82 18.79 -18.14
C4 RPF D . -3.92 20.20 -18.66
O2 RPF D . -4.42 20.25 -19.98
C5 RPF D . -2.47 16.81 -17.57
C6 RPF D . -3.64 16.13 -17.17
C7 RPF D . -4.89 16.75 -17.26
C8 RPF D . -4.97 18.08 -17.75
C9 RPF D . 4.33 19.10 -18.50
C10 RPF D . 4.92 18.03 -17.82
C11 RPF D . 4.34 16.76 -17.80
C12 RPF D . 3.10 16.53 -18.49
C13 RPF D . 2.48 17.60 -19.18
C14 RPF D . 3.08 18.88 -19.19
C20 RPF D . 5.22 21.52 -20.51
C21 RPF D . 6.72 21.82 -20.36
N2 RPF D . 7.24 22.93 -21.14
C22 RPF D . 6.50 23.68 -22.14
C23 RPF D . 5.00 23.41 -22.23
N3 RPF D . 4.45 22.39 -21.45
O5 RPF D . 4.35 24.12 -23.00
C24 RPF D . 4.60 21.48 -19.06
O6 RPF D . 5.05 20.31 -18.42
C25 RPF D . 2.65 20.96 -22.19
C26 RPF D . 3.09 22.15 -21.54
C27 RPF D . 2.13 23.05 -20.99
C28 RPF D . 0.76 22.76 -21.09
C29 RPF D . 0.32 21.56 -21.73
C30 RPF D . 1.28 20.68 -22.28
O7 RPF D . -1.02 21.21 -21.86
C31 RPF D . -2.03 22.19 -21.66
C32 RPF D . -3.37 21.50 -21.79
C33 RPF D . -3.45 20.18 -21.01
C34 RPF D . 2.90 14.36 -17.22
C35 RPF D . 4.44 14.38 -17.04
N1 RPF D . 4.97 15.74 -17.12
C36 RPF D . 2.47 15.16 -18.47
#